data_7SZI
#
_entry.id   7SZI
#
_cell.length_a   1.00
_cell.length_b   1.00
_cell.length_c   1.00
_cell.angle_alpha   90.00
_cell.angle_beta   90.00
_cell.angle_gamma   90.00
#
_symmetry.space_group_name_H-M   'P 1'
#
loop_
_entity.id
_entity.type
_entity.pdbx_description
1 polymer OmpK36
2 polymer TraN
#
loop_
_entity_poly.entity_id
_entity_poly.type
_entity_poly.pdbx_seq_one_letter_code
_entity_poly.pdbx_strand_id
1 'polypeptide(L)'
;GAEIYNKDGNKLDLYGKIDGLHYFSDDKSVDGDQTYMRVGVKGETQINDQLTGYGQWEYNVQANNTESSSDQAWTRLAFA
GLKFGDAGSFDYGRNYGVVYDVTSWTDVLPEFGGDTYGSDNFLQSRANGVATYRNSDFFGLVDGLNFALQYQGKNGSVSG
EGATNNGRGWSKQNGDGFGTSLTYDIWDGISAGFAYSHSKRTDEQNSVPALGRGDNAETYTGGLKYDANNIYLASQYTQT
YNATRAGSLGFANKAQNFEVVAQYQFDFGLRPSVAYLQSKGKDLERGYGDQDILKYVDVGATYYFNKNMSTYVDYKINLL
DDNSFTRNAGISTDDVVALGLVYQF
;
A,B,C
2 'polypeptide(L)' CSGGQNTHC D
#
# COMPACT_ATOMS: atom_id res chain seq x y z
N GLY A 1 3.28 11.66 18.32
CA GLY A 1 3.75 11.65 16.94
C GLY A 1 4.69 12.79 16.63
N ALA A 2 5.18 12.83 15.39
CA ALA A 2 6.11 13.86 14.93
C ALA A 2 5.34 14.91 14.13
N GLU A 3 5.22 16.11 14.70
CA GLU A 3 4.54 17.20 14.01
C GLU A 3 5.46 17.73 12.93
N ILE A 4 5.11 17.47 11.66
CA ILE A 4 5.98 17.77 10.53
C ILE A 4 5.53 19.00 9.77
N TYR A 5 4.43 19.64 10.16
CA TYR A 5 3.94 20.81 9.44
C TYR A 5 2.96 21.56 10.34
N ASN A 6 3.15 22.87 10.46
CA ASN A 6 2.24 23.71 11.23
C ASN A 6 2.28 25.11 10.63
N LYS A 7 1.34 25.42 9.74
CA LYS A 7 1.24 26.73 9.13
C LYS A 7 -0.21 27.01 8.80
N ASP A 8 -0.56 28.31 8.83
CA ASP A 8 -1.89 28.79 8.42
C ASP A 8 -3.01 28.09 9.21
N GLY A 9 -2.77 27.88 10.50
CA GLY A 9 -3.77 27.24 11.33
C GLY A 9 -4.02 25.77 11.04
N ASN A 10 -3.21 25.15 10.18
CA ASN A 10 -3.34 23.75 9.86
C ASN A 10 -2.05 23.05 10.28
N LYS A 11 -2.19 21.99 11.07
CA LYS A 11 -1.05 21.22 11.54
C LYS A 11 -1.18 19.76 11.13
N LEU A 12 -0.07 19.17 10.73
CA LEU A 12 -0.01 17.77 10.33
C LEU A 12 0.89 17.01 11.29
N ASP A 13 0.39 15.88 11.79
CA ASP A 13 1.15 15.04 12.71
C ASP A 13 1.34 13.67 12.07
N LEU A 14 2.60 13.26 11.93
CA LEU A 14 2.93 11.95 11.37
C LEU A 14 3.34 11.04 12.51
N TYR A 15 2.70 9.88 12.61
CA TYR A 15 2.95 8.96 13.70
C TYR A 15 2.98 7.53 13.16
N GLY A 16 3.57 6.65 13.95
CA GLY A 16 3.68 5.26 13.57
C GLY A 16 4.73 4.56 14.42
N LYS A 17 4.96 3.30 14.08
CA LYS A 17 5.94 2.50 14.80
C LYS A 17 6.40 1.37 13.91
N ILE A 18 7.58 0.84 14.23
CA ILE A 18 8.14 -0.34 13.58
C ILE A 18 8.41 -1.38 14.65
N ASP A 19 7.76 -2.53 14.53
CA ASP A 19 7.75 -3.54 15.60
C ASP A 19 8.43 -4.81 15.09
N GLY A 20 9.64 -5.05 15.58
CA GLY A 20 10.30 -6.32 15.34
C GLY A 20 9.85 -7.35 16.36
N LEU A 21 8.97 -8.25 15.95
CA LEU A 21 8.23 -9.11 16.86
C LEU A 21 8.39 -10.56 16.46
N HIS A 22 8.56 -11.43 17.47
CA HIS A 22 8.69 -12.86 17.26
C HIS A 22 7.83 -13.61 18.26
N TYR A 23 7.17 -14.66 17.78
CA TYR A 23 6.29 -15.49 18.60
C TYR A 23 6.94 -16.86 18.81
N PHE A 24 6.86 -17.34 20.05
CA PHE A 24 7.31 -18.69 20.39
C PHE A 24 6.09 -19.47 20.87
N SER A 25 5.60 -20.38 20.03
CA SER A 25 4.40 -21.13 20.36
C SER A 25 4.43 -22.48 19.67
N ASP A 26 3.67 -23.41 20.24
CA ASP A 26 3.49 -24.73 19.64
C ASP A 26 2.45 -24.73 18.52
N ASP A 27 1.65 -23.68 18.42
CA ASP A 27 0.66 -23.56 17.36
C ASP A 27 1.34 -23.03 16.11
N LYS A 28 1.43 -23.86 15.07
CA LYS A 28 2.13 -23.48 13.85
C LYS A 28 1.46 -22.32 13.13
N SER A 29 0.19 -22.03 13.43
CA SER A 29 -0.49 -20.92 12.78
C SER A 29 -0.05 -19.58 13.32
N VAL A 30 0.57 -19.54 14.50
CA VAL A 30 1.01 -18.28 15.08
C VAL A 30 2.52 -18.23 15.31
N ASP A 31 3.20 -19.37 15.39
CA ASP A 31 4.63 -19.39 15.63
C ASP A 31 5.39 -18.81 14.46
N GLY A 32 6.43 -18.03 14.75
CA GLY A 32 7.33 -17.50 13.75
C GLY A 32 7.43 -16.00 13.83
N ASP A 33 7.98 -15.40 12.78
CA ASP A 33 8.15 -13.95 12.73
C ASP A 33 6.80 -13.27 12.59
N GLN A 34 6.66 -12.12 13.24
CA GLN A 34 5.43 -11.34 13.22
C GLN A 34 5.73 -9.86 13.01
N THR A 35 6.84 -9.57 12.33
CA THR A 35 7.26 -8.19 12.14
C THR A 35 6.24 -7.42 11.32
N TYR A 36 5.97 -6.19 11.73
CA TYR A 36 5.02 -5.33 11.05
C TYR A 36 5.36 -3.88 11.39
N MET A 37 4.67 -2.95 10.74
CA MET A 37 4.80 -1.55 11.08
C MET A 37 3.46 -0.86 10.88
N ARG A 38 3.29 0.26 11.57
CA ARG A 38 2.13 1.12 11.41
C ARG A 38 2.58 2.50 10.97
N VAL A 39 1.80 3.13 10.11
CA VAL A 39 2.05 4.50 9.68
C VAL A 39 0.72 5.20 9.55
N GLY A 40 0.67 6.46 9.97
CA GLY A 40 -0.57 7.20 9.91
C GLY A 40 -0.31 8.69 10.01
N VAL A 41 -1.38 9.45 9.82
CA VAL A 41 -1.31 10.91 9.86
C VAL A 41 -2.53 11.44 10.60
N LYS A 42 -2.31 12.43 11.47
CA LYS A 42 -3.37 13.13 12.17
C LYS A 42 -3.33 14.60 11.79
N GLY A 43 -4.47 15.12 11.35
CA GLY A 43 -4.56 16.50 10.94
C GLY A 43 -5.59 17.25 11.76
N GLU A 44 -5.46 18.58 11.75
CA GLU A 44 -6.39 19.45 12.45
C GLU A 44 -6.25 20.85 11.90
N THR A 45 -7.39 21.45 11.52
CA THR A 45 -7.41 22.79 10.97
C THR A 45 -8.30 23.68 11.83
N GLN A 46 -7.88 24.95 11.99
CA GLN A 46 -8.59 25.92 12.80
C GLN A 46 -9.48 26.74 11.87
N ILE A 47 -10.75 26.34 11.78
CA ILE A 47 -11.70 27.03 10.90
C ILE A 47 -11.95 28.45 11.41
N ASN A 48 -12.23 28.57 12.71
CA ASN A 48 -12.38 29.88 13.34
C ASN A 48 -12.08 29.72 14.83
N ASP A 49 -12.45 30.73 15.62
CA ASP A 49 -12.12 30.70 17.04
C ASP A 49 -12.87 29.60 17.79
N GLN A 50 -13.99 29.13 17.26
CA GLN A 50 -14.79 28.14 17.96
C GLN A 50 -15.22 26.95 17.10
N LEU A 51 -14.67 26.80 15.90
CA LEU A 51 -14.96 25.65 15.05
C LEU A 51 -13.64 25.06 14.56
N THR A 52 -13.54 23.74 14.59
CA THR A 52 -12.30 23.05 14.24
C THR A 52 -12.62 21.80 13.44
N GLY A 53 -11.87 21.58 12.36
CA GLY A 53 -11.99 20.39 11.54
C GLY A 53 -10.74 19.54 11.69
N TYR A 54 -10.90 18.23 11.50
CA TYR A 54 -9.79 17.31 11.68
C TYR A 54 -10.01 16.06 10.85
N GLY A 55 -8.93 15.30 10.66
CA GLY A 55 -9.00 14.02 9.99
C GLY A 55 -7.84 13.17 10.39
N GLN A 56 -8.05 11.85 10.39
CA GLN A 56 -7.03 10.91 10.83
C GLN A 56 -7.07 9.66 9.97
N TRP A 57 -5.90 9.19 9.57
CA TRP A 57 -5.75 7.98 8.79
C TRP A 57 -4.70 7.10 9.44
N GLU A 58 -4.96 5.79 9.49
CA GLU A 58 -4.03 4.83 10.05
C GLU A 58 -3.88 3.66 9.11
N TYR A 59 -2.63 3.24 8.89
CA TYR A 59 -2.31 2.18 7.95
C TYR A 59 -1.47 1.12 8.65
N ASN A 60 -1.78 -0.14 8.38
CA ASN A 60 -1.03 -1.27 8.91
C ASN A 60 -0.38 -2.02 7.76
N VAL A 61 0.92 -2.24 7.86
CA VAL A 61 1.69 -2.96 6.83
C VAL A 61 2.41 -4.11 7.49
N GLN A 62 2.16 -5.32 6.99
CA GLN A 62 2.82 -6.52 7.49
C GLN A 62 4.12 -6.75 6.72
N ALA A 63 5.20 -6.98 7.44
CA ALA A 63 6.52 -7.18 6.84
C ALA A 63 7.14 -8.49 7.29
N ASN A 64 6.31 -9.50 7.54
CA ASN A 64 6.80 -10.81 7.95
C ASN A 64 6.64 -11.86 6.87
N ASN A 65 6.35 -11.46 5.64
CA ASN A 65 6.17 -12.38 4.53
C ASN A 65 6.99 -11.90 3.34
N THR A 66 7.04 -12.73 2.30
CA THR A 66 7.90 -12.47 1.16
C THR A 66 7.39 -11.28 0.35
N GLU A 67 8.15 -10.92 -0.68
CA GLU A 67 7.81 -9.76 -1.50
C GLU A 67 6.73 -10.08 -2.53
N SER A 68 6.47 -11.36 -2.78
CA SER A 68 5.43 -11.77 -3.72
C SER A 68 4.12 -12.11 -3.04
N SER A 69 4.01 -11.93 -1.73
CA SER A 69 2.80 -12.27 -1.02
C SER A 69 1.70 -11.26 -1.32
N SER A 70 0.49 -11.58 -0.87
CA SER A 70 -0.69 -10.78 -1.18
C SER A 70 -1.40 -10.38 0.11
N ASP A 71 -2.05 -9.21 0.07
CA ASP A 71 -2.88 -8.71 1.16
C ASP A 71 -2.08 -8.58 2.45
N GLN A 72 -1.01 -7.79 2.37
CA GLN A 72 -0.15 -7.54 3.52
C GLN A 72 -0.33 -6.15 4.11
N ALA A 73 -1.18 -5.30 3.50
CA ALA A 73 -1.42 -3.96 3.99
C ALA A 73 -2.91 -3.68 4.00
N TRP A 74 -3.37 -2.99 5.04
CA TRP A 74 -4.78 -2.64 5.16
C TRP A 74 -4.93 -1.41 6.03
N THR A 75 -6.09 -0.78 5.93
CA THR A 75 -6.38 0.46 6.63
C THR A 75 -7.10 0.18 7.93
N ARG A 76 -6.64 0.79 9.01
CA ARG A 76 -7.27 0.63 10.31
C ARG A 76 -8.26 1.75 10.61
N LEU A 77 -7.87 3.00 10.36
CA LEU A 77 -8.70 4.15 10.65
C LEU A 77 -8.68 5.12 9.48
N ALA A 78 -9.84 5.70 9.18
CA ALA A 78 -9.93 6.77 8.18
C ALA A 78 -11.24 7.52 8.42
N PHE A 79 -11.15 8.76 8.88
CA PHE A 79 -12.36 9.53 9.15
C PHE A 79 -12.03 11.02 9.14
N ALA A 80 -13.07 11.82 8.94
CA ALA A 80 -12.98 13.27 9.00
C ALA A 80 -14.12 13.80 9.84
N GLY A 81 -13.89 14.92 10.52
CA GLY A 81 -14.91 15.41 11.42
C GLY A 81 -14.76 16.88 11.75
N LEU A 82 -15.68 17.36 12.58
CA LEU A 82 -15.73 18.75 13.00
C LEU A 82 -15.87 18.82 14.51
N LYS A 83 -15.37 19.92 15.09
CA LYS A 83 -15.49 20.19 16.51
C LYS A 83 -16.14 21.55 16.71
N PHE A 84 -17.29 21.57 17.38
CA PHE A 84 -18.05 22.79 17.60
C PHE A 84 -17.67 23.37 18.96
N GLY A 85 -16.39 23.68 19.11
CA GLY A 85 -15.94 24.22 20.39
C GLY A 85 -16.11 23.22 21.50
N ASP A 86 -16.91 23.59 22.51
CA ASP A 86 -17.23 22.71 23.62
C ASP A 86 -18.65 22.14 23.53
N ALA A 87 -19.33 22.34 22.40
CA ALA A 87 -20.68 21.80 22.24
C ALA A 87 -20.68 20.35 21.77
N GLY A 88 -19.52 19.79 21.44
CA GLY A 88 -19.41 18.42 20.99
C GLY A 88 -18.62 18.32 19.71
N SER A 89 -18.63 17.13 19.13
CA SER A 89 -17.92 16.86 17.89
C SER A 89 -18.66 15.79 17.11
N PHE A 90 -18.47 15.81 15.79
CA PHE A 90 -19.06 14.83 14.89
C PHE A 90 -18.02 14.41 13.86
N ASP A 91 -17.98 13.12 13.56
CA ASP A 91 -17.07 12.62 12.54
C ASP A 91 -17.67 11.37 11.90
N TYR A 92 -17.26 11.11 10.67
CA TYR A 92 -17.76 9.97 9.91
C TYR A 92 -16.60 9.31 9.18
N GLY A 93 -16.72 7.99 9.01
CA GLY A 93 -15.70 7.22 8.32
C GLY A 93 -15.49 5.86 8.95
N ARG A 94 -14.30 5.30 8.81
CA ARG A 94 -13.93 4.08 9.51
C ARG A 94 -13.32 4.46 10.85
N ASN A 95 -14.00 4.10 11.93
CA ASN A 95 -13.59 4.53 13.26
C ASN A 95 -13.96 3.45 14.27
N TYR A 96 -13.60 3.70 15.52
CA TYR A 96 -13.89 2.76 16.60
C TYR A 96 -15.36 2.81 17.00
N GLY A 97 -15.87 1.68 17.47
CA GLY A 97 -17.20 1.65 18.03
C GLY A 97 -17.25 2.26 19.42
N VAL A 98 -18.47 2.57 19.86
CA VAL A 98 -18.63 3.21 21.17
C VAL A 98 -18.35 2.22 22.29
N VAL A 99 -18.50 0.91 22.02
CA VAL A 99 -18.18 -0.09 23.04
C VAL A 99 -16.70 -0.05 23.37
N TYR A 100 -15.86 0.30 22.40
CA TYR A 100 -14.43 0.40 22.66
C TYR A 100 -14.12 1.46 23.70
N ASP A 101 -14.97 2.49 23.81
CA ASP A 101 -14.73 3.56 24.78
C ASP A 101 -14.63 3.02 26.19
N VAL A 102 -15.27 1.89 26.48
CA VAL A 102 -15.20 1.26 27.79
C VAL A 102 -14.30 0.03 27.76
N THR A 103 -14.30 -0.72 26.66
CA THR A 103 -13.51 -1.94 26.63
C THR A 103 -12.03 -1.72 26.36
N SER A 104 -11.61 -0.48 26.07
CA SER A 104 -10.21 -0.20 25.84
C SER A 104 -9.42 0.00 27.14
N TRP A 105 -10.11 0.10 28.27
CA TRP A 105 -9.41 0.28 29.53
C TRP A 105 -8.61 -0.96 29.91
N THR A 106 -9.00 -2.12 29.39
CA THR A 106 -8.27 -3.35 29.62
C THR A 106 -7.39 -3.75 28.44
N ASP A 107 -7.34 -2.94 27.39
CA ASP A 107 -6.49 -3.21 26.24
C ASP A 107 -5.17 -2.45 26.37
N VAL A 108 -4.42 -2.82 27.41
CA VAL A 108 -3.17 -2.14 27.72
C VAL A 108 -2.05 -3.17 27.90
N LEU A 109 -2.29 -4.39 27.46
CA LEU A 109 -1.29 -5.44 27.57
C LEU A 109 -0.16 -5.18 26.59
N PRO A 110 1.03 -5.74 26.86
CA PRO A 110 2.17 -5.52 25.95
C PRO A 110 1.90 -5.96 24.53
N GLU A 111 1.54 -7.22 24.33
CA GLU A 111 1.28 -7.74 23.00
C GLU A 111 -0.11 -8.35 22.84
N PHE A 112 -0.58 -9.11 23.81
CA PHE A 112 -1.86 -9.80 23.71
C PHE A 112 -2.96 -8.93 24.29
N GLY A 113 -4.14 -9.52 24.53
CA GLY A 113 -5.24 -8.83 25.15
C GLY A 113 -6.16 -8.17 24.14
N GLY A 114 -7.32 -7.75 24.63
CA GLY A 114 -8.33 -7.14 23.77
C GLY A 114 -8.82 -8.07 22.68
N ASP A 115 -8.98 -9.36 22.99
CA ASP A 115 -9.40 -10.34 22.00
C ASP A 115 -10.66 -11.10 22.40
N THR A 116 -11.43 -10.58 23.35
CA THR A 116 -12.79 -11.08 23.56
C THR A 116 -13.72 -10.60 22.45
N TYR A 117 -13.27 -9.65 21.63
CA TYR A 117 -14.03 -9.12 20.52
C TYR A 117 -13.08 -8.95 19.33
N GLY A 118 -13.67 -8.88 18.14
CA GLY A 118 -12.86 -8.73 16.95
C GLY A 118 -13.12 -7.43 16.21
N SER A 119 -12.27 -7.12 15.23
CA SER A 119 -12.49 -5.95 14.41
C SER A 119 -13.57 -6.22 13.37
N ASP A 120 -14.26 -5.15 12.96
CA ASP A 120 -15.39 -5.25 12.05
C ASP A 120 -16.45 -6.22 12.60
N ASN A 121 -16.67 -6.16 13.90
CA ASN A 121 -17.64 -7.00 14.60
C ASN A 121 -18.66 -6.06 15.23
N PHE A 122 -19.66 -5.69 14.45
CA PHE A 122 -20.72 -4.76 14.87
C PHE A 122 -20.05 -3.49 15.40
N LEU A 123 -20.42 -2.99 16.58
CA LEU A 123 -19.87 -1.74 17.10
C LEU A 123 -18.90 -1.96 18.25
N GLN A 124 -18.26 -3.13 18.32
CA GLN A 124 -17.36 -3.41 19.42
C GLN A 124 -15.92 -2.97 19.15
N SER A 125 -15.57 -2.74 17.89
CA SER A 125 -14.21 -2.39 17.52
C SER A 125 -14.28 -1.51 16.28
N ARG A 126 -13.15 -1.39 15.57
CA ARG A 126 -13.12 -0.63 14.33
C ARG A 126 -14.18 -1.13 13.36
N ALA A 127 -14.91 -0.21 12.75
CA ALA A 127 -16.03 -0.55 11.88
C ALA A 127 -16.08 0.42 10.71
N ASN A 128 -16.90 0.08 9.73
CA ASN A 128 -17.05 0.85 8.50
C ASN A 128 -18.32 1.67 8.52
N GLY A 129 -18.23 2.91 8.03
CA GLY A 129 -19.39 3.75 7.86
C GLY A 129 -20.10 4.09 9.16
N VAL A 130 -19.35 4.47 10.17
CA VAL A 130 -19.91 4.83 11.48
C VAL A 130 -19.91 6.34 11.61
N ALA A 131 -21.06 6.90 11.99
CA ALA A 131 -21.20 8.33 12.25
C ALA A 131 -21.30 8.51 13.76
N THR A 132 -20.30 9.17 14.33
CA THR A 132 -20.16 9.27 15.78
C THR A 132 -20.28 10.72 16.22
N TYR A 133 -21.15 10.97 17.20
CA TYR A 133 -21.27 12.26 17.85
C TYR A 133 -20.78 12.11 19.29
N ARG A 134 -19.74 12.86 19.64
CA ARG A 134 -19.12 12.77 20.96
C ARG A 134 -19.26 14.11 21.66
N ASN A 135 -19.68 14.07 22.92
CA ASN A 135 -19.89 15.28 23.71
C ASN A 135 -19.15 15.14 25.02
N SER A 136 -18.30 16.11 25.33
CA SER A 136 -17.58 16.13 26.60
C SER A 136 -18.28 17.08 27.56
N ASP A 137 -18.23 16.74 28.85
CA ASP A 137 -18.88 17.45 29.94
C ASP A 137 -20.40 17.41 29.84
N PHE A 138 -20.95 16.64 28.91
CA PHE A 138 -22.39 16.39 28.78
C PHE A 138 -23.15 17.72 28.68
N PHE A 139 -22.91 18.39 27.56
CA PHE A 139 -23.49 19.70 27.26
C PHE A 139 -23.03 20.75 28.27
N GLY A 140 -23.97 21.23 29.08
CA GLY A 140 -23.65 22.19 30.12
C GLY A 140 -23.94 21.67 31.51
N LEU A 141 -24.30 20.40 31.58
CA LEU A 141 -24.59 19.74 32.85
C LEU A 141 -23.29 19.25 33.48
N VAL A 142 -23.38 18.31 34.43
CA VAL A 142 -22.29 17.87 35.29
C VAL A 142 -20.97 17.71 34.53
N ASP A 143 -19.89 18.19 35.12
CA ASP A 143 -18.57 18.13 34.52
C ASP A 143 -17.98 16.73 34.67
N GLY A 144 -17.05 16.41 33.77
CA GLY A 144 -16.36 15.13 33.82
C GLY A 144 -17.13 13.95 33.26
N LEU A 145 -18.31 14.18 32.71
CA LEU A 145 -19.15 13.12 32.16
C LEU A 145 -19.04 13.14 30.64
N ASN A 146 -18.52 12.06 30.06
CA ASN A 146 -18.40 11.94 28.62
C ASN A 146 -19.55 11.13 28.05
N PHE A 147 -20.11 11.61 26.95
CA PHE A 147 -21.26 10.97 26.32
C PHE A 147 -21.00 10.86 24.83
N ALA A 148 -21.53 9.81 24.21
CA ALA A 148 -21.28 9.58 22.81
C ALA A 148 -22.48 8.88 22.17
N LEU A 149 -22.79 9.29 20.95
CA LEU A 149 -23.82 8.66 20.12
C LEU A 149 -23.18 8.17 18.85
N GLN A 150 -23.71 7.07 18.31
CA GLN A 150 -23.16 6.48 17.10
C GLN A 150 -24.27 5.84 16.28
N TYR A 151 -24.07 5.84 14.96
CA TYR A 151 -24.96 5.16 14.03
C TYR A 151 -24.13 4.57 12.91
N GLN A 152 -24.44 3.34 12.52
CA GLN A 152 -23.73 2.66 11.45
C GLN A 152 -24.70 2.20 10.39
N GLY A 153 -24.31 2.37 9.13
CA GLY A 153 -25.12 1.91 8.02
C GLY A 153 -24.93 0.42 7.75
N LYS A 154 -25.74 -0.07 6.82
CA LYS A 154 -25.69 -1.49 6.49
C LYS A 154 -24.47 -1.81 5.64
N ASN A 155 -23.83 -2.93 5.95
CA ASN A 155 -22.72 -3.48 5.17
C ASN A 155 -23.10 -4.91 4.82
N GLY A 156 -23.62 -5.11 3.61
CA GLY A 156 -24.22 -6.36 3.23
C GLY A 156 -23.28 -7.30 2.49
N SER A 157 -23.88 -8.25 1.77
CA SER A 157 -23.15 -9.30 1.10
C SER A 157 -22.45 -8.79 -0.16
N VAL A 158 -21.61 -9.63 -0.74
CA VAL A 158 -20.91 -9.27 -1.97
C VAL A 158 -21.91 -9.11 -3.11
N SER A 159 -22.83 -10.06 -3.24
CA SER A 159 -23.85 -10.00 -4.27
C SER A 159 -25.09 -10.74 -3.78
N GLY A 160 -26.23 -10.39 -4.38
CA GLY A 160 -27.49 -11.01 -4.03
C GLY A 160 -28.53 -9.98 -3.62
N GLU A 161 -29.46 -10.42 -2.77
CA GLU A 161 -30.57 -9.55 -2.37
C GLU A 161 -30.10 -8.44 -1.43
N GLY A 162 -29.27 -8.79 -0.46
CA GLY A 162 -28.84 -7.83 0.53
C GLY A 162 -27.45 -7.28 0.30
N ALA A 163 -27.07 -7.14 -0.97
CA ALA A 163 -25.74 -6.68 -1.30
C ALA A 163 -25.63 -5.16 -1.16
N THR A 164 -24.42 -4.71 -0.88
CA THR A 164 -24.03 -3.30 -0.96
C THR A 164 -22.76 -3.20 -1.79
N ASN A 165 -22.24 -1.99 -1.95
CA ASN A 165 -21.04 -1.82 -2.76
C ASN A 165 -19.84 -2.49 -2.14
N ASN A 166 -19.74 -2.47 -0.81
CA ASN A 166 -18.64 -3.10 -0.08
C ASN A 166 -19.14 -4.40 0.54
N GLY A 167 -19.13 -5.47 -0.24
CA GLY A 167 -19.57 -6.75 0.27
C GLY A 167 -18.51 -7.43 1.12
N ARG A 168 -18.96 -8.43 1.87
CA ARG A 168 -18.08 -9.16 2.78
C ARG A 168 -18.79 -10.43 3.22
N GLY A 169 -18.04 -11.29 3.91
CA GLY A 169 -18.60 -12.52 4.42
C GLY A 169 -19.51 -12.28 5.62
N TRP A 170 -20.26 -13.32 5.96
CA TRP A 170 -21.24 -13.22 7.03
C TRP A 170 -20.61 -12.86 8.38
N SER A 171 -19.34 -13.19 8.59
CA SER A 171 -18.70 -12.89 9.86
C SER A 171 -18.47 -11.40 10.07
N LYS A 172 -18.60 -10.59 9.01
CA LYS A 172 -18.37 -9.16 9.14
C LYS A 172 -19.52 -8.31 8.60
N GLN A 173 -20.62 -8.92 8.18
CA GLN A 173 -21.79 -8.17 7.74
C GLN A 173 -22.56 -7.62 8.95
N ASN A 174 -23.41 -6.64 8.68
CA ASN A 174 -24.28 -6.08 9.70
C ASN A 174 -25.38 -5.27 9.04
N GLY A 175 -26.43 -5.01 9.81
CA GLY A 175 -27.51 -4.14 9.40
C GLY A 175 -27.39 -2.77 10.04
N ASP A 176 -28.47 -2.01 9.96
CA ASP A 176 -28.51 -0.71 10.62
C ASP A 176 -28.43 -0.88 12.13
N GLY A 177 -27.62 -0.04 12.78
CA GLY A 177 -27.42 -0.15 14.21
C GLY A 177 -27.00 1.16 14.82
N PHE A 178 -27.07 1.21 16.15
CA PHE A 178 -26.69 2.39 16.91
C PHE A 178 -26.09 1.96 18.23
N GLY A 179 -25.41 2.90 18.89
CA GLY A 179 -24.78 2.61 20.16
C GLY A 179 -24.56 3.87 20.98
N THR A 180 -24.44 3.67 22.28
CA THR A 180 -24.21 4.76 23.22
C THR A 180 -23.10 4.36 24.20
N SER A 181 -22.45 5.37 24.77
CA SER A 181 -21.45 5.14 25.79
C SER A 181 -21.51 6.29 26.80
N LEU A 182 -21.00 6.03 28.00
CA LEU A 182 -21.06 7.02 29.08
C LEU A 182 -19.97 6.69 30.08
N THR A 183 -18.98 7.57 30.21
CA THR A 183 -17.90 7.40 31.16
C THR A 183 -17.85 8.59 32.10
N TYR A 184 -17.47 8.33 33.36
CA TYR A 184 -17.42 9.36 34.38
C TYR A 184 -16.20 9.15 35.25
N ASP A 185 -15.64 10.26 35.73
CA ASP A 185 -14.48 10.24 36.62
C ASP A 185 -14.96 10.58 38.03
N ILE A 186 -14.86 9.62 38.94
CA ILE A 186 -15.32 9.81 40.30
C ILE A 186 -14.22 9.48 41.29
N ILE A 190 -10.07 7.33 39.54
CA ILE A 190 -11.13 6.32 39.47
C ILE A 190 -12.15 6.72 38.43
N SER A 191 -12.46 5.80 37.51
CA SER A 191 -13.41 6.06 36.44
C SER A 191 -14.37 4.89 36.32
N ALA A 192 -15.60 5.20 35.91
CA ALA A 192 -16.63 4.20 35.65
C ALA A 192 -17.29 4.50 34.31
N GLY A 193 -17.62 3.44 33.58
CA GLY A 193 -18.18 3.58 32.26
C GLY A 193 -19.24 2.55 31.98
N PHE A 194 -20.09 2.87 31.01
CA PHE A 194 -21.16 1.99 30.56
C PHE A 194 -21.37 2.18 29.07
N ALA A 195 -21.61 1.08 28.36
CA ALA A 195 -21.82 1.13 26.92
C ALA A 195 -22.95 0.19 26.54
N TYR A 196 -23.62 0.52 25.42
CA TYR A 196 -24.73 -0.28 24.92
C TYR A 196 -24.81 -0.12 23.41
N SER A 197 -25.07 -1.21 22.71
CA SER A 197 -25.19 -1.18 21.26
C SER A 197 -26.32 -2.12 20.82
N HIS A 198 -26.86 -1.83 19.64
CA HIS A 198 -27.97 -2.60 19.10
C HIS A 198 -27.93 -2.52 17.59
N SER A 199 -27.82 -3.66 16.91
CA SER A 199 -27.69 -3.69 15.47
C SER A 199 -28.59 -4.76 14.89
N LYS A 200 -28.99 -4.56 13.64
CA LYS A 200 -29.76 -5.56 12.92
C LYS A 200 -28.83 -6.58 12.29
N ARG A 201 -29.30 -7.82 12.19
CA ARG A 201 -28.54 -8.93 11.64
C ARG A 201 -29.02 -9.23 10.23
N THR A 202 -28.07 -9.41 9.32
CA THR A 202 -28.42 -9.65 7.92
C THR A 202 -29.01 -11.05 7.75
N ASP A 203 -29.68 -11.25 6.61
CA ASP A 203 -30.28 -12.54 6.32
C ASP A 203 -29.22 -13.62 6.13
N GLU A 204 -28.08 -13.26 5.53
CA GLU A 204 -27.03 -14.24 5.29
C GLU A 204 -26.43 -14.73 6.60
N GLN A 205 -26.37 -13.85 7.61
CA GLN A 205 -25.88 -14.26 8.93
C GLN A 205 -26.80 -15.25 9.60
N ASN A 206 -28.08 -15.28 9.24
CA ASN A 206 -29.06 -16.15 9.87
C ASN A 206 -29.26 -17.46 9.12
N SER A 207 -28.56 -17.67 8.01
CA SER A 207 -28.74 -18.87 7.21
C SER A 207 -27.46 -19.62 6.91
N VAL A 208 -26.36 -18.91 6.68
CA VAL A 208 -25.11 -19.56 6.28
C VAL A 208 -24.43 -20.25 7.46
N PRO A 209 -24.09 -19.57 8.55
CA PRO A 209 -23.35 -20.24 9.62
C PRO A 209 -24.24 -21.17 10.42
N ALA A 210 -23.62 -22.17 11.05
CA ALA A 210 -24.37 -23.16 11.79
C ALA A 210 -24.86 -22.63 13.13
N LEU A 211 -24.09 -21.76 13.77
CA LEU A 211 -24.41 -21.27 15.11
C LEU A 211 -24.81 -19.81 15.07
N GLY A 212 -25.86 -19.48 15.83
CA GLY A 212 -26.29 -18.10 15.95
C GLY A 212 -27.53 -17.77 15.14
N ARG A 213 -28.67 -17.63 15.82
CA ARG A 213 -29.93 -17.28 15.19
C ARG A 213 -30.57 -16.15 15.98
N GLY A 214 -30.96 -15.09 15.30
CA GLY A 214 -31.59 -13.96 15.95
C GLY A 214 -31.74 -12.80 14.99
N ASP A 215 -32.59 -11.86 15.40
CA ASP A 215 -32.86 -10.68 14.59
C ASP A 215 -31.95 -9.50 14.93
N ASN A 216 -31.55 -9.37 16.19
CA ASN A 216 -30.77 -8.23 16.64
C ASN A 216 -29.51 -8.70 17.35
N ALA A 217 -28.49 -7.85 17.32
CA ALA A 217 -27.26 -8.06 18.08
C ALA A 217 -27.22 -7.07 19.23
N GLU A 218 -27.05 -7.57 20.44
CA GLU A 218 -27.10 -6.76 21.65
C GLU A 218 -25.75 -6.80 22.35
N THR A 219 -25.44 -5.72 23.06
CA THR A 219 -24.20 -5.63 23.82
C THR A 219 -24.40 -4.67 25.00
N TYR A 220 -24.10 -5.16 26.19
CA TYR A 220 -24.10 -4.34 27.41
C TYR A 220 -22.73 -4.45 28.06
N THR A 221 -22.14 -3.30 28.38
CA THR A 221 -20.78 -3.28 28.90
C THR A 221 -20.68 -2.32 30.08
N GLY A 222 -19.99 -2.75 31.14
CA GLY A 222 -19.68 -1.89 32.25
C GLY A 222 -18.21 -2.05 32.63
N GLY A 223 -17.56 -0.96 33.05
CA GLY A 223 -16.14 -1.00 33.30
C GLY A 223 -15.74 -0.14 34.48
N LEU A 224 -14.53 -0.40 34.97
CA LEU A 224 -13.93 0.36 36.06
C LEU A 224 -12.47 0.58 35.73
N LYS A 225 -11.88 1.62 36.32
CA LYS A 225 -10.50 1.95 36.04
C LYS A 225 -9.91 2.73 37.20
N TYR A 226 -8.67 2.40 37.57
CA TYR A 226 -7.90 3.14 38.55
C TYR A 226 -6.53 3.43 37.94
N ASP A 227 -6.15 4.71 37.91
CA ASP A 227 -4.88 5.12 37.30
C ASP A 227 -4.30 6.26 38.14
N ALA A 228 -3.45 5.90 39.11
CA ALA A 228 -2.82 6.89 39.97
C ALA A 228 -1.67 6.22 40.72
N ASN A 229 -0.71 7.06 41.12
CA ASN A 229 0.43 6.61 41.94
C ASN A 229 1.18 5.45 41.28
N ASN A 230 1.37 5.53 39.96
CA ASN A 230 2.09 4.51 39.19
C ASN A 230 1.42 3.15 39.28
N ILE A 231 0.11 3.13 39.52
CA ILE A 231 -0.67 1.90 39.62
C ILE A 231 -1.81 1.99 38.62
N TYR A 232 -2.01 0.92 37.84
CA TYR A 232 -3.08 0.86 36.85
C TYR A 232 -3.91 -0.38 37.11
N LEU A 233 -5.18 -0.19 37.46
CA LEU A 233 -6.13 -1.28 37.63
C LEU A 233 -7.33 -1.00 36.74
N ALA A 234 -7.79 -2.04 36.03
CA ALA A 234 -8.93 -1.87 35.15
C ALA A 234 -9.62 -3.22 34.96
N SER A 235 -10.94 -3.17 34.80
CA SER A 235 -11.72 -4.37 34.54
C SER A 235 -13.00 -3.96 33.82
N GLN A 236 -13.57 -4.91 33.08
CA GLN A 236 -14.82 -4.66 32.38
C GLN A 236 -15.57 -5.97 32.18
N TYR A 237 -16.88 -5.88 32.25
CA TYR A 237 -17.76 -7.04 32.08
C TYR A 237 -18.74 -6.75 30.96
N THR A 238 -18.87 -7.68 30.02
CA THR A 238 -19.70 -7.49 28.83
C THR A 238 -20.62 -8.68 28.65
N GLN A 239 -21.88 -8.40 28.32
CA GLN A 239 -22.87 -9.43 28.03
C GLN A 239 -23.43 -9.17 26.65
N THR A 240 -23.31 -10.14 25.75
CA THR A 240 -23.68 -9.97 24.35
C THR A 240 -24.75 -10.98 23.96
N TYR A 241 -25.52 -10.63 22.93
CA TYR A 241 -26.59 -11.47 22.41
C TYR A 241 -26.45 -11.51 20.89
N ASN A 242 -26.10 -12.68 20.36
CA ASN A 242 -25.90 -12.87 18.93
C ASN A 242 -24.88 -11.89 18.36
N ALA A 243 -23.82 -11.63 19.13
CA ALA A 243 -22.81 -10.65 18.73
C ALA A 243 -21.38 -11.11 18.89
N THR A 244 -21.13 -12.25 19.53
CA THR A 244 -19.78 -12.76 19.75
C THR A 244 -19.52 -13.92 18.81
N ARG A 245 -18.41 -13.87 18.08
CA ARG A 245 -18.08 -14.94 17.15
C ARG A 245 -17.64 -16.18 17.93
N ALA A 246 -18.27 -17.31 17.62
CA ALA A 246 -17.87 -18.59 18.20
C ALA A 246 -16.88 -19.29 17.25
N GLY A 247 -15.71 -18.66 17.12
CA GLY A 247 -14.73 -19.15 16.17
C GLY A 247 -15.23 -18.95 14.74
N SER A 248 -15.05 -19.98 13.93
CA SER A 248 -15.53 -19.98 12.55
C SER A 248 -16.90 -20.64 12.39
N LEU A 249 -17.50 -21.09 13.49
CA LEU A 249 -18.79 -21.78 13.42
C LEU A 249 -19.97 -20.82 13.36
N GLY A 250 -19.76 -19.54 13.63
CA GLY A 250 -20.86 -18.60 13.62
C GLY A 250 -20.87 -17.64 14.80
N PHE A 251 -22.02 -17.48 15.42
CA PHE A 251 -22.21 -16.53 16.51
C PHE A 251 -22.77 -17.24 17.72
N ALA A 252 -22.43 -16.72 18.90
CA ALA A 252 -22.94 -17.26 20.15
C ALA A 252 -24.24 -16.57 20.53
N ASN A 253 -25.25 -17.36 20.87
CA ASN A 253 -26.54 -16.80 21.25
C ASN A 253 -26.41 -15.92 22.48
N LYS A 254 -25.67 -16.38 23.49
CA LYS A 254 -25.36 -15.60 24.67
C LYS A 254 -23.90 -15.76 24.99
N ALA A 255 -23.25 -14.66 25.37
CA ALA A 255 -21.84 -14.69 25.73
C ALA A 255 -21.58 -13.68 26.85
N GLN A 256 -20.68 -14.05 27.75
CA GLN A 256 -20.27 -13.19 28.86
C GLN A 256 -18.76 -13.06 28.82
N ASN A 257 -18.27 -11.83 28.70
CA ASN A 257 -16.84 -11.55 28.63
C ASN A 257 -16.41 -10.80 29.88
N PHE A 258 -15.25 -11.19 30.42
CA PHE A 258 -14.72 -10.55 31.61
C PHE A 258 -13.20 -10.42 31.48
N GLU A 259 -12.69 -9.22 31.73
CA GLU A 259 -11.25 -8.95 31.67
C GLU A 259 -10.86 -8.15 32.89
N VAL A 260 -9.68 -8.44 33.43
CA VAL A 260 -9.09 -7.68 34.54
C VAL A 260 -7.60 -7.59 34.31
N VAL A 261 -7.05 -6.40 34.55
CA VAL A 261 -5.62 -6.14 34.31
C VAL A 261 -5.08 -5.31 35.47
N ALA A 262 -3.87 -5.66 35.91
CA ALA A 262 -3.15 -4.92 36.93
C ALA A 262 -1.75 -4.61 36.43
N GLN A 263 -1.31 -3.37 36.59
CA GLN A 263 0.00 -2.93 36.14
C GLN A 263 0.62 -2.01 37.17
N TYR A 264 1.95 -1.99 37.21
CA TYR A 264 2.70 -1.08 38.04
C TYR A 264 3.86 -0.52 37.25
N GLN A 265 4.09 0.79 37.38
CA GLN A 265 5.13 1.47 36.63
C GLN A 265 6.28 1.82 37.59
N PHE A 266 7.46 1.27 37.33
CA PHE A 266 8.62 1.56 38.14
C PHE A 266 9.24 2.89 37.72
N ASP A 267 10.11 3.41 38.59
CA ASP A 267 10.72 4.72 38.33
C ASP A 267 11.79 4.66 37.25
N PHE A 268 12.44 3.52 37.08
CA PHE A 268 13.53 3.40 36.11
C PHE A 268 13.07 2.91 34.75
N GLY A 269 11.79 2.62 34.57
CA GLY A 269 11.24 2.30 33.25
C GLY A 269 10.60 0.94 33.12
N LEU A 270 10.63 0.07 34.13
CA LEU A 270 10.02 -1.24 34.02
C LEU A 270 8.55 -1.16 34.40
N ARG A 271 7.70 -1.83 33.61
CA ARG A 271 6.25 -1.80 33.80
C ARG A 271 5.70 -3.22 33.72
N PRO A 272 5.85 -4.00 34.78
CA PRO A 272 5.27 -5.34 34.78
C PRO A 272 3.75 -5.30 34.77
N SER A 273 3.14 -6.33 34.19
CA SER A 273 1.70 -6.38 34.05
C SER A 273 1.20 -7.81 34.21
N VAL A 274 0.02 -7.95 34.82
CA VAL A 274 -0.65 -9.22 35.00
C VAL A 274 -2.12 -9.03 34.63
N ALA A 275 -2.67 -9.96 33.86
CA ALA A 275 -4.04 -9.82 33.40
C ALA A 275 -4.68 -11.19 33.25
N TYR A 276 -6.02 -11.20 33.27
CA TYR A 276 -6.81 -12.41 33.08
C TYR A 276 -8.00 -12.09 32.19
N LEU A 277 -8.26 -12.97 31.22
CA LEU A 277 -9.34 -12.78 30.26
C LEU A 277 -10.14 -14.06 30.14
N GLN A 278 -11.46 -13.93 30.00
CA GLN A 278 -12.31 -15.08 29.77
C GLN A 278 -13.53 -14.66 28.97
N SER A 279 -14.14 -15.65 28.32
CA SER A 279 -15.33 -15.42 27.50
C SER A 279 -16.09 -16.74 27.41
N LYS A 280 -17.29 -16.76 27.99
CA LYS A 280 -18.10 -17.98 28.04
C LYS A 280 -19.34 -17.82 27.17
N GLY A 281 -19.55 -18.78 26.28
CA GLY A 281 -20.72 -18.81 25.42
C GLY A 281 -21.78 -19.75 25.96
N LYS A 282 -23.04 -19.38 25.73
CA LYS A 282 -24.17 -20.13 26.25
C LYS A 282 -25.20 -20.36 25.15
N ASP A 283 -25.98 -21.44 25.32
CA ASP A 283 -27.11 -21.75 24.43
C ASP A 283 -26.67 -21.88 22.98
N LEU A 284 -25.53 -22.51 22.75
CA LEU A 284 -25.09 -22.77 21.39
C LEU A 284 -25.90 -23.91 20.78
N GLU A 285 -26.01 -23.88 19.45
CA GLU A 285 -26.71 -24.94 18.72
C GLU A 285 -25.78 -26.12 18.51
N ARG A 286 -26.23 -27.10 17.73
CA ARG A 286 -25.49 -28.32 17.42
C ARG A 286 -25.14 -29.12 18.67
N GLY A 287 -25.85 -28.90 19.78
CA GLY A 287 -25.61 -29.64 20.99
C GLY A 287 -24.36 -29.24 21.75
N TYR A 288 -23.74 -28.10 21.41
CA TYR A 288 -22.53 -27.69 22.10
C TYR A 288 -22.82 -27.24 23.53
N GLY A 289 -23.98 -26.65 23.77
CA GLY A 289 -24.31 -26.20 25.12
C GLY A 289 -23.47 -25.00 25.50
N ASP A 290 -22.88 -25.07 26.68
CA ASP A 290 -22.04 -24.00 27.20
C ASP A 290 -20.58 -24.32 26.91
N GLN A 291 -19.89 -23.40 26.23
CA GLN A 291 -18.49 -23.58 25.87
C GLN A 291 -17.71 -22.33 26.22
N ASP A 292 -16.42 -22.53 26.52
CA ASP A 292 -15.50 -21.41 26.77
C ASP A 292 -14.88 -21.00 25.44
N ILE A 293 -15.10 -19.75 25.05
CA ILE A 293 -14.56 -19.27 23.78
C ILE A 293 -13.13 -18.77 23.96
N LEU A 294 -12.82 -18.24 25.14
CA LEU A 294 -11.50 -17.68 25.40
C LEU A 294 -11.25 -17.72 26.90
N LYS A 295 -10.05 -18.16 27.29
CA LYS A 295 -9.68 -18.18 28.71
C LYS A 295 -8.16 -18.32 28.80
N TYR A 296 -7.48 -17.30 29.31
CA TYR A 296 -6.05 -17.39 29.49
C TYR A 296 -5.59 -16.34 30.50
N VAL A 297 -4.39 -16.54 31.02
CA VAL A 297 -3.74 -15.63 31.95
C VAL A 297 -2.52 -15.03 31.27
N ASP A 298 -2.38 -13.72 31.33
CA ASP A 298 -1.30 -13.00 30.67
C ASP A 298 -0.36 -12.42 31.69
N VAL A 299 0.93 -12.73 31.57
CA VAL A 299 1.98 -12.17 32.41
C VAL A 299 3.07 -11.62 31.50
N GLY A 300 3.48 -10.37 31.75
CA GLY A 300 4.48 -9.76 30.90
C GLY A 300 5.02 -8.50 31.54
N ALA A 301 5.99 -7.90 30.86
CA ALA A 301 6.61 -6.67 31.31
C ALA A 301 7.08 -5.87 30.11
N THR A 302 7.23 -4.57 30.32
CA THR A 302 7.68 -3.66 29.27
C THR A 302 8.75 -2.74 29.83
N TYR A 303 9.81 -2.52 29.04
CA TYR A 303 10.87 -1.61 29.40
C TYR A 303 10.91 -0.47 28.40
N TYR A 304 10.85 0.76 28.90
CA TYR A 304 10.85 1.95 28.06
C TYR A 304 12.21 2.64 28.20
N PHE A 305 13.00 2.60 27.13
CA PHE A 305 14.21 3.39 27.10
C PHE A 305 13.89 4.88 27.13
N ASN A 306 12.97 5.30 26.28
CA ASN A 306 12.42 6.65 26.29
C ASN A 306 11.07 6.60 25.60
N LYS A 307 10.54 7.77 25.23
CA LYS A 307 9.23 7.82 24.59
C LYS A 307 9.24 7.27 23.17
N ASN A 308 10.42 7.00 22.60
CA ASN A 308 10.51 6.56 21.20
C ASN A 308 11.00 5.14 21.03
N MET A 309 11.58 4.53 22.06
CA MET A 309 12.14 3.18 21.96
C MET A 309 11.69 2.36 23.15
N SER A 310 11.32 1.10 22.89
CA SER A 310 10.86 0.23 23.97
C SER A 310 11.03 -1.23 23.54
N THR A 311 11.03 -2.11 24.53
CA THR A 311 11.06 -3.55 24.30
C THR A 311 10.22 -4.21 25.39
N TYR A 312 9.69 -5.39 25.06
CA TYR A 312 8.77 -6.05 25.99
C TYR A 312 8.83 -7.56 25.78
N VAL A 313 8.38 -8.28 26.81
CA VAL A 313 8.18 -9.72 26.75
C VAL A 313 6.78 -10.01 27.27
N ASP A 314 6.03 -10.83 26.54
CA ASP A 314 4.66 -11.15 26.88
C ASP A 314 4.49 -12.67 26.91
N TYR A 315 3.92 -13.18 28.00
CA TYR A 315 3.70 -14.60 28.18
C TYR A 315 2.23 -14.85 28.40
N LYS A 316 1.59 -15.59 27.49
CA LYS A 316 0.18 -15.92 27.59
C LYS A 316 0.06 -17.38 27.99
N ILE A 317 -0.58 -17.63 29.13
CA ILE A 317 -0.78 -18.98 29.66
C ILE A 317 -2.21 -19.37 29.32
N ASN A 318 -2.36 -20.21 28.29
CA ASN A 318 -3.68 -20.58 27.80
C ASN A 318 -4.27 -21.66 28.69
N LEU A 319 -5.45 -21.41 29.23
CA LEU A 319 -6.14 -22.35 30.11
C LEU A 319 -7.27 -23.09 29.42
N LEU A 320 -7.45 -22.90 28.11
CA LEU A 320 -8.50 -23.59 27.39
C LEU A 320 -8.19 -25.08 27.28
N ASP A 321 -9.24 -25.88 27.31
CA ASP A 321 -9.12 -27.33 27.19
C ASP A 321 -9.53 -27.77 25.79
N ASP A 322 -8.72 -28.61 25.18
CA ASP A 322 -9.00 -29.08 23.83
C ASP A 322 -10.20 -30.03 23.83
N ASN A 323 -11.14 -29.79 22.93
CA ASN A 323 -12.32 -30.63 22.80
C ASN A 323 -12.84 -30.50 21.37
N SER A 324 -14.04 -31.04 21.13
CA SER A 324 -14.61 -31.01 19.79
C SER A 324 -14.90 -29.59 19.35
N PHE A 325 -15.45 -28.76 20.23
CA PHE A 325 -15.84 -27.41 19.85
C PHE A 325 -14.62 -26.57 19.48
N THR A 326 -13.55 -26.65 20.27
CA THR A 326 -12.37 -25.86 19.99
C THR A 326 -11.73 -26.25 18.66
N ARG A 327 -11.67 -27.55 18.37
CA ARG A 327 -11.08 -27.99 17.11
C ARG A 327 -11.95 -27.62 15.92
N ASN A 328 -13.27 -27.82 16.05
CA ASN A 328 -14.17 -27.49 14.94
C ASN A 328 -14.18 -25.99 14.66
N ALA A 329 -14.18 -25.17 15.71
CA ALA A 329 -14.20 -23.72 15.58
C ALA A 329 -12.83 -23.13 15.28
N GLY A 330 -11.78 -23.93 15.33
CA GLY A 330 -10.44 -23.42 15.08
C GLY A 330 -9.93 -22.43 16.11
N ILE A 331 -10.11 -22.73 17.40
CA ILE A 331 -9.68 -21.87 18.49
C ILE A 331 -8.37 -22.43 19.03
N SER A 332 -7.36 -21.58 19.13
CA SER A 332 -6.05 -22.01 19.60
C SER A 332 -6.07 -22.24 21.11
N THR A 333 -5.38 -23.30 21.56
CA THR A 333 -5.30 -23.65 22.97
C THR A 333 -3.86 -23.86 23.40
N ASP A 334 -2.93 -23.09 22.85
CA ASP A 334 -1.51 -23.24 23.14
C ASP A 334 -0.95 -21.95 23.71
N ASP A 335 0.04 -22.09 24.58
CA ASP A 335 0.72 -20.93 25.15
C ASP A 335 1.56 -20.23 24.09
N VAL A 336 1.71 -18.92 24.24
CA VAL A 336 2.47 -18.10 23.31
C VAL A 336 3.42 -17.21 24.11
N VAL A 337 4.65 -17.06 23.62
CA VAL A 337 5.64 -16.15 24.17
C VAL A 337 6.02 -15.17 23.09
N ALA A 338 5.98 -13.87 23.41
CA ALA A 338 6.24 -12.82 22.43
C ALA A 338 7.43 -11.98 22.88
N LEU A 339 8.34 -11.71 21.95
CA LEU A 339 9.46 -10.82 22.17
C LEU A 339 9.38 -9.70 21.13
N GLY A 340 9.54 -8.46 21.58
CA GLY A 340 9.35 -7.32 20.71
C GLY A 340 10.40 -6.26 20.94
N LEU A 341 10.66 -5.47 19.89
CA LEU A 341 11.57 -4.34 19.93
C LEU A 341 10.98 -3.26 19.06
N VAL A 342 10.39 -2.24 19.68
CA VAL A 342 9.55 -1.26 18.98
C VAL A 342 10.27 0.08 18.93
N TYR A 343 10.31 0.68 17.76
CA TYR A 343 10.71 2.07 17.58
C TYR A 343 9.49 2.88 17.18
N GLN A 344 9.16 3.90 17.96
CA GLN A 344 7.99 4.73 17.72
C GLN A 344 8.41 6.11 17.28
N PHE A 345 7.85 6.58 16.17
CA PHE A 345 8.17 7.90 15.65
C PHE A 345 6.93 8.77 15.57
N GLY B 1 -0.49 21.92 -1.33
CA GLY B 1 -0.33 20.95 -0.25
C GLY B 1 0.53 21.46 0.88
N ALA B 2 1.07 20.53 1.67
CA ALA B 2 1.90 20.86 2.82
C ALA B 2 3.36 20.64 2.44
N GLU B 3 4.13 21.74 2.40
CA GLU B 3 5.55 21.68 2.08
C GLU B 3 6.30 21.29 3.35
N ILE B 4 6.90 20.10 3.35
CA ILE B 4 7.52 19.52 4.53
C ILE B 4 9.04 19.57 4.48
N TYR B 5 9.63 20.07 3.39
CA TYR B 5 11.08 20.09 3.27
C TYR B 5 11.47 21.05 2.16
N ASN B 6 12.44 21.91 2.43
CA ASN B 6 12.96 22.82 1.40
C ASN B 6 14.40 23.17 1.79
N LYS B 7 15.36 22.47 1.20
CA LYS B 7 16.78 22.72 1.44
C LYS B 7 17.57 22.29 0.21
N ASP B 8 18.70 22.98 0.01
CA ASP B 8 19.65 22.65 -1.06
C ASP B 8 18.97 22.62 -2.43
N GLY B 9 18.06 23.56 -2.66
CA GLY B 9 17.36 23.62 -3.93
C GLY B 9 16.41 22.47 -4.20
N ASN B 10 16.07 21.68 -3.19
CA ASN B 10 15.13 20.58 -3.32
C ASN B 10 13.97 20.80 -2.36
N LYS B 11 12.75 20.73 -2.86
CA LYS B 11 11.55 20.91 -2.06
C LYS B 11 10.65 19.70 -2.18
N LEU B 12 10.01 19.33 -1.08
CA LEU B 12 9.06 18.22 -1.03
C LEU B 12 7.71 18.74 -0.59
N ASP B 13 6.66 18.31 -1.27
CA ASP B 13 5.29 18.71 -0.95
C ASP B 13 4.46 17.46 -0.72
N LEU B 14 3.87 17.34 0.46
CA LEU B 14 3.00 16.23 0.80
C LEU B 14 1.56 16.71 0.75
N TYR B 15 0.73 16.01 -0.02
CA TYR B 15 -0.66 16.41 -0.20
C TYR B 15 -1.55 15.18 -0.16
N GLY B 16 -2.83 15.41 0.11
CA GLY B 16 -3.78 14.33 0.18
C GLY B 16 -5.09 14.81 0.76
N LYS B 17 -5.98 13.86 0.98
CA LYS B 17 -7.28 14.18 1.56
C LYS B 17 -7.89 12.90 2.14
N ILE B 18 -8.84 13.09 3.05
CA ILE B 18 -9.63 12.01 3.62
C ILE B 18 -11.10 12.35 3.38
N ASP B 19 -11.81 11.45 2.71
CA ASP B 19 -13.17 11.71 2.26
C ASP B 19 -14.12 10.74 2.96
N GLY B 20 -14.93 11.27 3.87
CA GLY B 20 -16.01 10.49 4.47
C GLY B 20 -17.24 10.57 3.59
N LEU B 21 -17.49 9.53 2.81
CA LEU B 21 -18.45 9.57 1.73
C LEU B 21 -19.47 8.45 1.87
N HIS B 22 -20.74 8.78 1.64
CA HIS B 22 -21.83 7.82 1.67
C HIS B 22 -22.69 7.98 0.43
N TYR B 23 -23.19 6.86 -0.09
CA TYR B 23 -24.03 6.84 -1.27
C TYR B 23 -25.42 6.35 -0.91
N PHE B 24 -26.44 7.01 -1.45
CA PHE B 24 -27.83 6.60 -1.31
C PHE B 24 -28.37 6.29 -2.70
N SER B 25 -28.66 5.02 -2.96
CA SER B 25 -29.14 4.63 -4.28
C SER B 25 -29.93 3.33 -4.16
N ASP B 26 -30.78 3.10 -5.17
CA ASP B 26 -31.50 1.84 -5.29
C ASP B 26 -30.67 0.75 -5.93
N ASP B 27 -29.53 1.09 -6.53
CA ASP B 27 -28.63 0.11 -7.12
C ASP B 27 -27.73 -0.44 -6.02
N LYS B 28 -27.86 -1.74 -5.77
CA LYS B 28 -27.10 -2.36 -4.68
C LYS B 28 -25.61 -2.39 -4.95
N SER B 29 -25.18 -2.15 -6.19
CA SER B 29 -23.76 -2.17 -6.49
C SER B 29 -23.07 -0.86 -6.15
N VAL B 30 -23.82 0.21 -5.90
CA VAL B 30 -23.24 1.49 -5.54
C VAL B 30 -23.70 2.01 -4.18
N ASP B 31 -24.83 1.54 -3.66
CA ASP B 31 -25.32 2.01 -2.37
C ASP B 31 -24.40 1.53 -1.25
N GLY B 32 -24.17 2.42 -0.27
CA GLY B 32 -23.44 2.08 0.92
C GLY B 32 -22.31 3.06 1.17
N ASP B 33 -21.42 2.68 2.08
CA ASP B 33 -20.29 3.52 2.44
C ASP B 33 -19.26 3.54 1.31
N GLN B 34 -18.64 4.70 1.11
CA GLN B 34 -17.66 4.91 0.05
C GLN B 34 -16.46 5.68 0.56
N THR B 35 -16.11 5.49 1.83
CA THR B 35 -15.01 6.21 2.43
C THR B 35 -13.68 5.80 1.80
N TYR B 36 -12.81 6.78 1.58
CA TYR B 36 -11.49 6.53 1.01
C TYR B 36 -10.60 7.72 1.35
N MET B 37 -9.33 7.61 0.96
CA MET B 37 -8.41 8.71 1.15
C MET B 37 -7.34 8.67 0.06
N ARG B 38 -6.73 9.82 -0.18
CA ARG B 38 -5.63 9.95 -1.14
C ARG B 38 -4.41 10.48 -0.43
N VAL B 39 -3.24 10.00 -0.85
CA VAL B 39 -1.96 10.49 -0.34
C VAL B 39 -0.98 10.55 -1.50
N GLY B 40 -0.15 11.59 -1.52
CA GLY B 40 0.80 11.75 -2.60
C GLY B 40 1.89 12.73 -2.23
N VAL B 41 2.93 12.73 -3.06
CA VAL B 41 4.10 13.58 -2.84
C VAL B 41 4.49 14.22 -4.17
N LYS B 42 4.86 15.49 -4.12
CA LYS B 42 5.35 16.22 -5.28
C LYS B 42 6.71 16.81 -4.96
N GLY B 43 7.69 16.53 -5.81
CA GLY B 43 9.04 17.01 -5.60
C GLY B 43 9.52 17.85 -6.76
N GLU B 44 10.53 18.68 -6.47
CA GLU B 44 11.11 19.56 -7.47
C GLU B 44 12.50 19.98 -7.01
N THR B 45 13.49 19.82 -7.89
CA THR B 45 14.86 20.19 -7.59
C THR B 45 15.35 21.17 -8.64
N GLN B 46 16.21 22.10 -8.21
CA GLN B 46 16.75 23.14 -9.09
C GLN B 46 18.13 22.71 -9.54
N ILE B 47 18.19 22.13 -10.74
CA ILE B 47 19.47 21.65 -11.28
C ILE B 47 20.39 22.83 -11.58
N ASN B 48 19.86 23.85 -12.26
CA ASN B 48 20.60 25.08 -12.51
C ASN B 48 19.58 26.19 -12.75
N ASP B 49 20.04 27.32 -13.28
CA ASP B 49 19.17 28.47 -13.45
C ASP B 49 18.09 28.23 -14.51
N GLN B 50 18.33 27.33 -15.46
CA GLN B 50 17.40 27.12 -16.55
C GLN B 50 17.02 25.66 -16.77
N LEU B 51 17.36 24.76 -15.86
CA LEU B 51 16.94 23.37 -15.94
C LEU B 51 16.40 22.94 -14.58
N THR B 52 15.27 22.25 -14.59
CA THR B 52 14.59 21.87 -13.36
C THR B 52 14.05 20.45 -13.50
N GLY B 53 14.22 19.65 -12.45
CA GLY B 53 13.71 18.30 -12.41
C GLY B 53 12.61 18.17 -11.39
N TYR B 54 11.69 17.24 -11.63
CA TYR B 54 10.52 17.09 -10.76
C TYR B 54 9.99 15.67 -10.85
N GLY B 55 9.14 15.33 -9.88
CA GLY B 55 8.48 14.04 -9.86
C GLY B 55 7.27 14.10 -8.98
N GLN B 56 6.27 13.28 -9.30
CA GLN B 56 5.01 13.28 -8.57
C GLN B 56 4.47 11.85 -8.49
N TRP B 57 3.95 11.50 -7.32
CA TRP B 57 3.33 10.21 -7.10
C TRP B 57 2.03 10.41 -6.34
N GLU B 58 0.96 9.77 -6.82
CA GLU B 58 -0.35 9.87 -6.20
C GLU B 58 -0.90 8.47 -5.97
N TYR B 59 -1.43 8.23 -4.77
CA TYR B 59 -1.77 6.89 -4.35
C TYR B 59 -3.14 6.92 -3.69
N ASN B 60 -3.98 5.96 -4.03
CA ASN B 60 -5.37 5.92 -3.59
C ASN B 60 -5.58 4.73 -2.67
N VAL B 61 -6.21 4.96 -1.52
CA VAL B 61 -6.50 3.93 -0.54
C VAL B 61 -8.00 3.91 -0.27
N GLN B 62 -8.60 2.74 -0.38
CA GLN B 62 -10.01 2.56 -0.04
C GLN B 62 -10.14 2.13 1.42
N ALA B 63 -11.05 2.76 2.15
CA ALA B 63 -11.26 2.49 3.56
C ALA B 63 -12.71 2.15 3.87
N ASN B 64 -13.45 1.66 2.88
CA ASN B 64 -14.84 1.29 3.07
C ASN B 64 -15.05 -0.22 3.11
N ASN B 65 -13.98 -1.00 3.25
CA ASN B 65 -14.06 -2.45 3.31
C ASN B 65 -13.26 -2.96 4.50
N THR B 66 -13.45 -4.24 4.80
CA THR B 66 -12.87 -4.82 6.00
C THR B 66 -11.35 -4.92 5.89
N GLU B 67 -10.72 -5.22 7.03
CA GLU B 67 -9.26 -5.28 7.08
C GLU B 67 -8.71 -6.51 6.34
N SER B 68 -9.55 -7.50 6.05
CA SER B 68 -9.13 -8.69 5.33
C SER B 68 -9.45 -8.61 3.84
N SER B 69 -9.95 -7.47 3.36
CA SER B 69 -10.28 -7.34 1.95
C SER B 69 -9.01 -7.24 1.11
N SER B 70 -9.19 -7.31 -0.20
CA SER B 70 -8.08 -7.35 -1.14
C SER B 70 -8.25 -6.28 -2.20
N ASP B 71 -7.11 -5.79 -2.72
CA ASP B 71 -7.07 -4.83 -3.82
C ASP B 71 -7.83 -3.55 -3.45
N GLN B 72 -7.43 -2.96 -2.32
CA GLN B 72 -8.04 -1.75 -1.82
C GLN B 72 -7.19 -0.51 -2.04
N ALA B 73 -6.00 -0.66 -2.64
CA ALA B 73 -5.13 0.48 -2.87
C ALA B 73 -4.45 0.32 -4.22
N TRP B 74 -4.28 1.45 -4.92
CA TRP B 74 -3.66 1.45 -6.23
C TRP B 74 -3.04 2.81 -6.49
N THR B 75 -2.12 2.84 -7.46
CA THR B 75 -1.41 4.06 -7.83
C THR B 75 -2.16 4.77 -8.94
N ARG B 76 -2.35 6.08 -8.79
CA ARG B 76 -3.01 6.86 -9.82
C ARG B 76 -2.01 7.59 -10.72
N LEU B 77 -1.03 8.25 -10.13
CA LEU B 77 -0.03 9.01 -10.88
C LEU B 77 1.36 8.63 -10.39
N ALA B 78 2.29 8.48 -11.33
CA ALA B 78 3.70 8.28 -11.00
C ALA B 78 4.53 8.64 -12.23
N PHE B 79 5.28 9.73 -12.15
CA PHE B 79 6.08 10.15 -13.29
C PHE B 79 7.21 11.03 -12.80
N ALA B 80 8.29 11.04 -13.58
CA ALA B 80 9.44 11.91 -13.35
C ALA B 80 9.79 12.60 -14.66
N GLY B 81 10.31 13.82 -14.55
CA GLY B 81 10.58 14.57 -15.77
C GLY B 81 11.52 15.74 -15.54
N LEU B 82 11.71 16.51 -16.62
CA LEU B 82 12.60 17.65 -16.62
C LEU B 82 11.89 18.86 -17.21
N LYS B 83 12.28 20.03 -16.75
CA LYS B 83 11.79 21.30 -17.29
C LYS B 83 12.97 22.06 -17.86
N PHE B 84 12.86 22.50 -19.11
CA PHE B 84 13.96 23.14 -19.82
C PHE B 84 13.64 24.63 -19.96
N GLY B 85 13.95 25.38 -18.91
CA GLY B 85 13.70 26.82 -18.90
C GLY B 85 12.26 27.12 -19.28
N ASP B 86 12.09 27.74 -20.44
CA ASP B 86 10.77 27.98 -21.03
C ASP B 86 10.60 27.29 -22.37
N ALA B 87 11.54 26.43 -22.75
CA ALA B 87 11.45 25.71 -24.01
C ALA B 87 10.50 24.52 -23.96
N GLY B 88 9.99 24.17 -22.78
CA GLY B 88 9.06 23.09 -22.63
C GLY B 88 9.44 22.18 -21.48
N SER B 89 8.81 21.01 -21.46
CA SER B 89 9.07 20.01 -20.43
C SER B 89 8.79 18.62 -21.01
N PHE B 90 9.38 17.61 -20.37
CA PHE B 90 9.20 16.23 -20.77
C PHE B 90 9.13 15.37 -19.52
N ASP B 91 8.25 14.38 -19.53
CA ASP B 91 8.11 13.47 -18.41
C ASP B 91 7.58 12.13 -18.89
N TYR B 92 7.95 11.08 -18.16
CA TYR B 92 7.54 9.72 -18.51
C TYR B 92 7.04 9.01 -17.27
N GLY B 93 6.10 8.10 -17.47
CA GLY B 93 5.51 7.34 -16.38
C GLY B 93 4.01 7.18 -16.53
N ARG B 94 3.30 7.00 -15.43
CA ARG B 94 1.85 6.91 -15.44
C ARG B 94 1.30 8.33 -15.28
N ASN B 95 0.64 8.83 -16.32
CA ASN B 95 0.18 10.22 -16.33
C ASN B 95 -1.09 10.31 -17.15
N TYR B 96 -1.68 11.51 -17.14
CA TYR B 96 -2.91 11.76 -17.86
C TYR B 96 -2.67 11.81 -19.36
N GLY B 97 -3.67 11.36 -20.13
CA GLY B 97 -3.64 11.53 -21.56
C GLY B 97 -3.89 12.97 -21.97
N VAL B 98 -3.48 13.30 -23.19
CA VAL B 98 -3.60 14.69 -23.65
C VAL B 98 -5.06 15.06 -23.90
N VAL B 99 -5.93 14.07 -24.10
CA VAL B 99 -7.35 14.37 -24.26
C VAL B 99 -7.91 14.93 -22.96
N TYR B 100 -7.35 14.54 -21.82
CA TYR B 100 -7.79 15.07 -20.54
C TYR B 100 -7.57 16.58 -20.45
N ASP B 101 -6.55 17.10 -21.15
CA ASP B 101 -6.27 18.53 -21.10
C ASP B 101 -7.49 19.35 -21.52
N VAL B 102 -8.34 18.80 -22.39
CA VAL B 102 -9.57 19.46 -22.79
C VAL B 102 -10.77 18.91 -22.02
N THR B 103 -10.84 17.60 -21.82
CA THR B 103 -12.03 17.01 -21.20
C THR B 103 -12.12 17.26 -19.70
N SER B 104 -11.07 17.80 -19.07
CA SER B 104 -11.12 18.05 -17.63
C SER B 104 -11.84 19.34 -17.29
N TRP B 105 -12.16 20.17 -18.27
CA TRP B 105 -12.84 21.42 -18.00
C TRP B 105 -14.22 21.19 -17.40
N THR B 106 -14.87 20.08 -17.77
CA THR B 106 -16.17 19.73 -17.24
C THR B 106 -16.10 18.73 -16.09
N ASP B 107 -14.90 18.35 -15.66
CA ASP B 107 -14.72 17.43 -14.55
C ASP B 107 -14.50 18.20 -13.25
N VAL B 108 -15.50 19.00 -12.89
CA VAL B 108 -15.40 19.87 -11.72
C VAL B 108 -16.63 19.67 -10.83
N LEU B 109 -17.37 18.59 -11.05
CA LEU B 109 -18.54 18.32 -10.24
C LEU B 109 -18.13 17.90 -8.84
N PRO B 110 -19.04 18.05 -7.85
CA PRO B 110 -18.71 17.67 -6.47
C PRO B 110 -18.23 16.23 -6.34
N GLU B 111 -19.04 15.27 -6.76
CA GLU B 111 -18.65 13.86 -6.68
C GLU B 111 -18.71 13.14 -8.01
N PHE B 112 -19.75 13.37 -8.82
CA PHE B 112 -19.94 12.63 -10.05
C PHE B 112 -19.28 13.38 -11.22
N GLY B 113 -19.62 12.98 -12.44
CA GLY B 113 -19.10 13.61 -13.62
C GLY B 113 -17.81 12.98 -14.11
N GLY B 114 -17.43 13.35 -15.33
CA GLY B 114 -16.25 12.79 -15.95
C GLY B 114 -16.29 11.30 -16.12
N ASP B 115 -17.44 10.75 -16.53
CA ASP B 115 -17.61 9.31 -16.69
C ASP B 115 -18.03 8.91 -18.09
N THR B 116 -17.95 9.84 -19.06
CA THR B 116 -18.08 9.45 -20.46
C THR B 116 -16.85 8.70 -20.95
N TYR B 117 -15.78 8.71 -20.17
CA TYR B 117 -14.56 7.99 -20.48
C TYR B 117 -14.07 7.29 -19.23
N GLY B 118 -13.34 6.20 -19.41
CA GLY B 118 -12.81 5.47 -18.29
C GLY B 118 -11.31 5.65 -18.12
N SER B 119 -10.78 5.25 -16.97
CA SER B 119 -9.34 5.27 -16.79
C SER B 119 -8.70 4.10 -17.53
N ASP B 120 -7.45 4.29 -17.94
CA ASP B 120 -6.72 3.31 -18.74
C ASP B 120 -7.49 2.99 -20.03
N ASN B 121 -8.17 3.99 -20.58
CA ASN B 121 -8.92 3.86 -21.82
C ASN B 121 -8.22 4.72 -22.87
N PHE B 122 -7.22 4.12 -23.53
CA PHE B 122 -6.39 4.79 -24.53
C PHE B 122 -5.83 6.06 -23.90
N LEU B 123 -5.90 7.22 -24.56
CA LEU B 123 -5.31 8.45 -24.06
C LEU B 123 -6.35 9.43 -23.52
N GLN B 124 -7.51 8.94 -23.12
CA GLN B 124 -8.56 9.81 -22.62
C GLN B 124 -8.43 10.10 -21.12
N SER B 125 -7.67 9.30 -20.39
CA SER B 125 -7.54 9.46 -18.95
C SER B 125 -6.15 8.96 -18.56
N ARG B 126 -5.97 8.69 -17.26
CA ARG B 126 -4.69 8.18 -16.78
C ARG B 126 -4.33 6.89 -17.50
N ALA B 127 -3.08 6.80 -17.96
CA ALA B 127 -2.61 5.67 -18.73
C ALA B 127 -1.21 5.28 -18.27
N ASN B 128 -0.71 4.19 -18.82
CA ASN B 128 0.60 3.65 -18.47
C ASN B 128 1.61 3.91 -19.59
N GLY B 129 2.82 4.29 -19.20
CA GLY B 129 3.90 4.45 -20.15
C GLY B 129 3.66 5.53 -21.18
N VAL B 130 3.22 6.71 -20.73
CA VAL B 130 3.00 7.85 -21.60
C VAL B 130 4.21 8.77 -21.51
N ALA B 131 4.79 9.09 -22.66
CA ALA B 131 5.89 10.05 -22.74
C ALA B 131 5.30 11.36 -23.28
N THR B 132 5.23 12.37 -22.43
CA THR B 132 4.52 13.61 -22.74
C THR B 132 5.51 14.76 -22.81
N TYR B 133 5.52 15.44 -23.96
CA TYR B 133 6.29 16.67 -24.14
C TYR B 133 5.30 17.83 -24.18
N ARG B 134 5.40 18.73 -23.22
CA ARG B 134 4.48 19.86 -23.11
C ARG B 134 5.23 21.16 -23.35
N ASN B 135 4.63 22.05 -24.12
CA ASN B 135 5.21 23.35 -24.44
C ASN B 135 4.20 24.43 -24.09
N SER B 136 4.66 25.44 -23.35
CA SER B 136 3.82 26.58 -23.02
C SER B 136 4.19 27.78 -23.87
N ASP B 137 3.16 28.53 -24.28
CA ASP B 137 3.27 29.72 -25.12
C ASP B 137 3.83 29.42 -26.50
N PHE B 138 3.80 28.17 -26.94
CA PHE B 138 4.17 27.77 -28.30
C PHE B 138 5.54 28.34 -28.68
N PHE B 139 6.56 27.84 -27.96
CA PHE B 139 7.95 28.23 -28.19
C PHE B 139 8.16 29.73 -27.97
N GLY B 140 7.20 30.38 -27.33
CA GLY B 140 7.24 31.82 -27.19
C GLY B 140 6.76 32.58 -28.41
N LEU B 141 6.36 31.89 -29.48
CA LEU B 141 5.94 32.57 -30.69
C LEU B 141 4.64 33.34 -30.47
N VAL B 142 3.66 32.72 -29.84
CA VAL B 142 2.38 33.36 -29.53
C VAL B 142 2.06 33.10 -28.06
N ASP B 143 1.71 34.16 -27.34
CA ASP B 143 1.48 34.08 -25.91
C ASP B 143 0.14 33.41 -25.62
N GLY B 144 0.10 32.66 -24.53
CA GLY B 144 -1.14 32.06 -24.04
C GLY B 144 -1.58 30.80 -24.74
N LEU B 145 -0.78 30.28 -25.67
CA LEU B 145 -1.14 29.07 -26.42
C LEU B 145 -0.38 27.89 -25.86
N ASN B 146 -1.09 26.97 -25.22
CA ASN B 146 -0.49 25.76 -24.68
C ASN B 146 -0.53 24.65 -25.75
N PHE B 147 0.42 23.73 -25.65
CA PHE B 147 0.62 22.73 -26.68
C PHE B 147 1.32 21.52 -26.08
N ALA B 148 1.05 20.34 -26.63
CA ALA B 148 1.58 19.11 -26.06
C ALA B 148 1.50 17.98 -27.07
N LEU B 149 2.50 17.08 -27.01
CA LEU B 149 2.48 15.81 -27.70
C LEU B 149 2.50 14.68 -26.69
N GLN B 150 2.21 13.48 -27.17
CA GLN B 150 2.22 12.31 -26.31
C GLN B 150 2.49 11.07 -27.15
N TYR B 151 3.19 10.11 -26.55
CA TYR B 151 3.38 8.79 -27.16
C TYR B 151 3.20 7.75 -26.07
N GLN B 152 2.55 6.65 -26.42
CA GLN B 152 2.28 5.59 -25.45
C GLN B 152 2.74 4.26 -26.02
N GLY B 153 3.49 3.51 -25.22
CA GLY B 153 3.91 2.18 -25.63
C GLY B 153 2.78 1.18 -25.53
N LYS B 154 2.97 0.07 -26.25
CA LYS B 154 1.94 -0.97 -26.28
C LYS B 154 1.77 -1.62 -24.92
N ASN B 155 0.52 -1.87 -24.54
CA ASN B 155 0.18 -2.57 -23.30
C ASN B 155 -0.69 -3.76 -23.68
N GLY B 156 -0.05 -4.91 -23.86
CA GLY B 156 -0.71 -6.09 -24.38
C GLY B 156 -1.34 -6.97 -23.32
N SER B 157 -1.60 -8.21 -23.71
CA SER B 157 -2.30 -9.15 -22.86
C SER B 157 -1.36 -9.74 -21.81
N VAL B 158 -1.94 -10.52 -20.89
CA VAL B 158 -1.15 -11.17 -19.85
C VAL B 158 -0.19 -12.18 -20.46
N SER B 159 -0.68 -12.96 -21.43
CA SER B 159 0.15 -13.94 -22.11
C SER B 159 -0.39 -14.15 -23.52
N GLY B 160 0.46 -14.67 -24.39
CA GLY B 160 0.10 -14.94 -25.77
C GLY B 160 1.06 -14.29 -26.74
N GLU B 161 0.57 -14.10 -27.97
CA GLU B 161 1.40 -13.52 -29.02
C GLU B 161 1.65 -12.04 -28.78
N GLY B 162 0.62 -11.32 -28.33
CA GLY B 162 0.74 -9.89 -28.14
C GLY B 162 0.92 -9.49 -26.69
N ALA B 163 1.63 -10.31 -25.91
CA ALA B 163 1.80 -10.05 -24.50
C ALA B 163 2.92 -9.04 -24.26
N THR B 164 2.81 -8.36 -23.12
CA THR B 164 3.86 -7.50 -22.58
C THR B 164 4.09 -7.89 -21.12
N ASN B 165 5.00 -7.19 -20.46
CA ASN B 165 5.27 -7.50 -19.06
C ASN B 165 4.09 -7.15 -18.16
N ASN B 166 3.38 -6.06 -18.47
CA ASN B 166 2.21 -5.63 -17.70
C ASN B 166 0.97 -5.98 -18.51
N GLY B 167 0.50 -7.22 -18.38
CA GLY B 167 -0.68 -7.64 -19.09
C GLY B 167 -1.96 -7.17 -18.43
N ARG B 168 -3.05 -7.24 -19.19
CA ARG B 168 -4.35 -6.78 -18.71
C ARG B 168 -5.43 -7.32 -19.65
N GLY B 169 -6.67 -7.17 -19.22
CA GLY B 169 -7.80 -7.60 -20.03
C GLY B 169 -8.00 -6.68 -21.22
N TRP B 170 -8.81 -7.16 -22.16
CA TRP B 170 -9.02 -6.44 -23.41
C TRP B 170 -9.62 -5.06 -23.21
N SER B 171 -10.26 -4.82 -22.07
CA SER B 171 -10.89 -3.53 -21.83
C SER B 171 -9.88 -2.42 -21.58
N LYS B 172 -8.64 -2.77 -21.23
CA LYS B 172 -7.61 -1.77 -20.96
C LYS B 172 -6.34 -1.96 -21.78
N GLN B 173 -6.33 -2.88 -22.74
CA GLN B 173 -5.19 -3.04 -23.62
C GLN B 173 -5.18 -1.96 -24.70
N ASN B 174 -4.02 -1.77 -25.32
CA ASN B 174 -3.88 -0.88 -26.45
C ASN B 174 -2.57 -1.17 -27.17
N GLY B 175 -2.42 -0.56 -28.34
CA GLY B 175 -1.20 -0.63 -29.10
C GLY B 175 -0.41 0.67 -29.02
N ASP B 176 0.50 0.84 -29.96
CA ASP B 176 1.27 2.07 -30.04
C ASP B 176 0.37 3.20 -30.53
N GLY B 177 0.38 4.33 -29.80
CA GLY B 177 -0.49 5.43 -30.15
C GLY B 177 0.14 6.76 -29.78
N PHE B 178 -0.50 7.83 -30.25
CA PHE B 178 -0.03 9.18 -30.02
C PHE B 178 -1.22 10.11 -29.89
N GLY B 179 -0.99 11.27 -29.30
CA GLY B 179 -2.04 12.26 -29.13
C GLY B 179 -1.48 13.65 -29.02
N THR B 180 -2.30 14.62 -29.40
CA THR B 180 -1.95 16.04 -29.33
C THR B 180 -3.10 16.83 -28.74
N SER B 181 -2.77 17.95 -28.11
CA SER B 181 -3.77 18.86 -27.57
C SER B 181 -3.34 20.29 -27.84
N LEU B 182 -4.31 21.22 -27.78
CA LEU B 182 -4.03 22.61 -28.07
C LEU B 182 -5.10 23.46 -27.40
N THR B 183 -4.73 24.22 -26.39
CA THR B 183 -5.65 25.09 -25.66
C THR B 183 -5.14 26.52 -25.73
N TYR B 184 -6.07 27.46 -25.93
CA TYR B 184 -5.73 28.87 -26.03
C TYR B 184 -6.74 29.69 -25.24
N ASP B 185 -6.26 30.79 -24.68
CA ASP B 185 -7.10 31.75 -23.96
C ASP B 185 -7.34 32.93 -24.87
N ILE B 186 -8.57 33.07 -25.36
CA ILE B 186 -8.90 34.15 -26.30
C ILE B 186 -8.70 35.51 -25.62
N TRP B 187 -9.29 35.68 -24.45
CA TRP B 187 -8.97 36.79 -23.55
C TRP B 187 -9.23 36.31 -22.12
N ASP B 188 -9.33 37.25 -21.19
CA ASP B 188 -9.57 36.90 -19.80
C ASP B 188 -10.87 36.11 -19.65
N GLY B 189 -10.79 34.98 -18.96
CA GLY B 189 -11.96 34.15 -18.70
C GLY B 189 -12.22 33.10 -19.76
N ILE B 190 -12.47 33.51 -20.99
CA ILE B 190 -12.86 32.60 -22.06
C ILE B 190 -11.63 31.85 -22.56
N SER B 191 -11.77 30.54 -22.71
CA SER B 191 -10.71 29.70 -23.25
C SER B 191 -11.32 28.68 -24.20
N ALA B 192 -10.52 28.21 -25.15
CA ALA B 192 -10.93 27.19 -26.10
C ALA B 192 -9.85 26.12 -26.19
N GLY B 193 -10.29 24.88 -26.43
CA GLY B 193 -9.37 23.76 -26.49
C GLY B 193 -9.76 22.79 -27.58
N PHE B 194 -8.79 21.96 -27.96
CA PHE B 194 -8.99 20.93 -28.98
C PHE B 194 -7.97 19.83 -28.74
N ALA B 195 -8.41 18.58 -28.90
CA ALA B 195 -7.55 17.43 -28.68
C ALA B 195 -7.79 16.39 -29.75
N TYR B 196 -6.79 15.53 -29.96
CA TYR B 196 -6.88 14.47 -30.94
C TYR B 196 -5.94 13.35 -30.53
N SER B 197 -6.41 12.11 -30.67
CA SER B 197 -5.61 10.94 -30.33
C SER B 197 -5.86 9.85 -31.35
N HIS B 198 -4.91 8.92 -31.44
CA HIS B 198 -4.98 7.83 -32.42
C HIS B 198 -4.10 6.71 -31.93
N SER B 199 -4.68 5.53 -31.72
CA SER B 199 -3.96 4.40 -31.17
C SER B 199 -4.30 3.13 -31.94
N LYS B 200 -3.40 2.16 -31.88
CA LYS B 200 -3.65 0.85 -32.47
C LYS B 200 -4.42 -0.03 -31.50
N ARG B 201 -5.20 -0.95 -32.05
CA ARG B 201 -6.03 -1.86 -31.27
C ARG B 201 -5.42 -3.26 -31.30
N THR B 202 -5.34 -3.90 -30.14
CA THR B 202 -4.76 -5.22 -30.05
C THR B 202 -5.68 -6.26 -30.67
N ASP B 203 -5.14 -7.47 -30.85
CA ASP B 203 -5.89 -8.54 -31.49
C ASP B 203 -7.05 -9.01 -30.61
N GLU B 204 -6.84 -9.09 -29.30
CA GLU B 204 -7.91 -9.53 -28.41
C GLU B 204 -9.07 -8.54 -28.40
N GLN B 205 -8.77 -7.25 -28.54
CA GLN B 205 -9.83 -6.26 -28.63
C GLN B 205 -10.69 -6.42 -29.87
N ASN B 206 -10.19 -7.11 -30.89
CA ASN B 206 -10.93 -7.34 -32.12
C ASN B 206 -11.50 -8.75 -32.22
N SER B 207 -11.25 -9.60 -31.22
CA SER B 207 -11.75 -10.97 -31.26
C SER B 207 -12.57 -11.37 -30.04
N VAL B 208 -12.17 -10.93 -28.84
CA VAL B 208 -12.83 -11.38 -27.61
C VAL B 208 -14.17 -10.69 -27.42
N PRO B 209 -14.28 -9.36 -27.36
CA PRO B 209 -15.58 -8.75 -27.10
C PRO B 209 -16.49 -8.84 -28.31
N ALA B 210 -17.80 -8.83 -28.04
CA ALA B 210 -18.77 -8.96 -29.11
C ALA B 210 -18.92 -7.69 -29.93
N LEU B 211 -18.80 -6.52 -29.28
CA LEU B 211 -19.05 -5.25 -29.92
C LEU B 211 -17.74 -4.51 -30.18
N GLY B 212 -17.58 -3.99 -31.39
CA GLY B 212 -16.42 -3.19 -31.72
C GLY B 212 -15.39 -3.90 -32.56
N ARG B 213 -15.34 -3.58 -33.85
CA ARG B 213 -14.35 -4.13 -34.76
C ARG B 213 -13.69 -2.99 -35.51
N GLY B 214 -12.37 -2.97 -35.52
CA GLY B 214 -11.65 -1.91 -36.20
C GLY B 214 -10.16 -2.04 -35.96
N ASP B 215 -9.40 -1.25 -36.70
CA ASP B 215 -7.96 -1.27 -36.61
C ASP B 215 -7.40 -0.17 -35.72
N ASN B 216 -8.00 1.01 -35.74
CA ASN B 216 -7.49 2.17 -35.02
C ASN B 216 -8.58 2.76 -34.15
N ALA B 217 -8.18 3.30 -33.00
CA ALA B 217 -9.06 4.02 -32.10
C ALA B 217 -8.74 5.50 -32.21
N GLU B 218 -9.74 6.30 -32.55
CA GLU B 218 -9.55 7.73 -32.78
C GLU B 218 -10.50 8.52 -31.89
N THR B 219 -10.11 9.73 -31.54
CA THR B 219 -10.90 10.59 -30.67
C THR B 219 -10.71 12.04 -31.05
N TYR B 220 -11.82 12.74 -31.28
CA TYR B 220 -11.80 14.17 -31.56
C TYR B 220 -12.57 14.90 -30.47
N THR B 221 -11.95 15.91 -29.88
CA THR B 221 -12.55 16.61 -28.75
C THR B 221 -12.37 18.11 -28.92
N GLY B 222 -13.41 18.87 -28.61
CA GLY B 222 -13.35 20.31 -28.60
C GLY B 222 -14.16 20.87 -27.44
N GLY B 223 -13.56 21.80 -26.68
CA GLY B 223 -14.20 22.29 -25.48
C GLY B 223 -14.13 23.80 -25.37
N LEU B 224 -15.00 24.33 -24.53
CA LEU B 224 -15.06 25.75 -24.23
C LEU B 224 -15.16 25.93 -22.72
N LYS B 225 -14.68 27.08 -22.24
CA LYS B 225 -14.63 27.30 -20.80
C LYS B 225 -14.67 28.80 -20.50
N TYR B 226 -15.49 29.17 -19.52
CA TYR B 226 -15.52 30.53 -18.99
C TYR B 226 -15.35 30.46 -17.48
N ASP B 227 -14.36 31.20 -16.97
CA ASP B 227 -14.05 31.17 -15.53
C ASP B 227 -13.66 32.58 -15.11
N ALA B 228 -14.64 33.34 -14.63
CA ALA B 228 -14.41 34.69 -14.13
C ALA B 228 -15.64 35.15 -13.37
N ASN B 229 -15.43 36.16 -12.52
CA ASN B 229 -16.52 36.80 -11.77
C ASN B 229 -17.31 35.79 -10.95
N ASN B 230 -16.59 34.86 -10.31
CA ASN B 230 -17.19 33.82 -9.47
C ASN B 230 -18.19 32.97 -10.25
N ILE B 231 -18.02 32.87 -11.56
CA ILE B 231 -18.89 32.11 -12.44
C ILE B 231 -18.03 31.12 -13.21
N TYR B 232 -18.46 29.86 -13.24
CA TYR B 232 -17.75 28.82 -13.98
C TYR B 232 -18.72 28.19 -14.98
N LEU B 233 -18.37 28.28 -16.26
CA LEU B 233 -19.11 27.63 -17.33
C LEU B 233 -18.13 26.83 -18.17
N ALA B 234 -18.54 25.64 -18.60
CA ALA B 234 -17.67 24.80 -19.40
C ALA B 234 -18.51 23.77 -20.14
N SER B 235 -18.02 23.37 -21.31
CA SER B 235 -18.67 22.32 -22.09
C SER B 235 -17.61 21.69 -22.98
N GLN B 236 -17.82 20.42 -23.32
CA GLN B 236 -16.92 19.72 -24.22
C GLN B 236 -17.72 18.70 -25.03
N TYR B 237 -17.35 18.57 -26.30
CA TYR B 237 -17.99 17.63 -27.22
C TYR B 237 -16.92 16.70 -27.78
N THR B 238 -17.22 15.40 -27.77
CA THR B 238 -16.24 14.39 -28.16
C THR B 238 -16.89 13.40 -29.11
N GLN B 239 -16.16 13.03 -30.16
CA GLN B 239 -16.58 12.00 -31.10
C GLN B 239 -15.47 10.96 -31.20
N THR B 240 -15.82 9.70 -30.96
CA THR B 240 -14.84 8.62 -30.90
C THR B 240 -15.18 7.54 -31.92
N TYR B 241 -14.17 6.78 -32.31
CA TYR B 241 -14.30 5.69 -33.27
C TYR B 241 -13.60 4.47 -32.68
N ASN B 242 -14.38 3.45 -32.31
CA ASN B 242 -13.86 2.20 -31.74
C ASN B 242 -13.03 2.47 -30.49
N ALA B 243 -13.42 3.49 -29.71
CA ALA B 243 -12.65 3.89 -28.54
C ALA B 243 -13.47 4.10 -27.28
N THR B 244 -14.80 4.02 -27.34
CA THR B 244 -15.65 4.21 -26.17
C THR B 244 -16.22 2.88 -25.75
N ARG B 245 -16.05 2.54 -24.47
CA ARG B 245 -16.55 1.28 -23.96
C ARG B 245 -18.08 1.30 -23.91
N ALA B 246 -18.71 0.27 -24.48
CA ALA B 246 -20.15 0.10 -24.40
C ALA B 246 -20.47 -0.88 -23.27
N GLY B 247 -20.22 -0.43 -22.05
CA GLY B 247 -20.34 -1.30 -20.90
C GLY B 247 -19.32 -2.41 -20.97
N SER B 248 -19.73 -3.61 -20.54
CA SER B 248 -18.87 -4.78 -20.58
C SER B 248 -19.03 -5.59 -21.87
N LEU B 249 -19.83 -5.09 -22.82
CA LEU B 249 -20.04 -5.80 -24.07
C LEU B 249 -18.94 -5.56 -25.09
N GLY B 250 -18.07 -4.58 -24.87
CA GLY B 250 -17.01 -4.30 -25.82
C GLY B 250 -16.83 -2.82 -26.09
N PHE B 251 -16.75 -2.45 -27.36
CA PHE B 251 -16.49 -1.07 -27.77
C PHE B 251 -17.55 -0.62 -28.77
N ALA B 252 -17.84 0.67 -28.76
CA ALA B 252 -18.81 1.26 -29.66
C ALA B 252 -18.11 1.71 -30.94
N ASN B 253 -18.68 1.33 -32.08
CA ASN B 253 -18.09 1.71 -33.36
C ASN B 253 -18.06 3.22 -33.53
N LYS B 254 -19.15 3.90 -33.18
CA LYS B 254 -19.22 5.36 -33.22
C LYS B 254 -19.91 5.84 -31.95
N ALA B 255 -19.32 6.85 -31.31
CA ALA B 255 -19.89 7.41 -30.10
C ALA B 255 -19.75 8.93 -30.12
N GLN B 256 -20.74 9.61 -29.54
CA GLN B 256 -20.73 11.05 -29.40
C GLN B 256 -21.01 11.40 -27.95
N ASN B 257 -20.06 12.06 -27.30
CA ASN B 257 -20.16 12.41 -25.90
C ASN B 257 -20.30 13.92 -25.76
N PHE B 258 -21.19 14.37 -24.87
CA PHE B 258 -21.39 15.78 -24.64
C PHE B 258 -21.58 16.02 -23.15
N GLU B 259 -20.84 16.97 -22.61
CA GLU B 259 -20.94 17.36 -21.20
C GLU B 259 -20.95 18.86 -21.10
N VAL B 260 -21.85 19.39 -20.27
CA VAL B 260 -21.95 20.81 -19.98
C VAL B 260 -22.15 20.99 -18.49
N VAL B 261 -21.48 21.99 -17.91
CA VAL B 261 -21.49 22.23 -16.49
C VAL B 261 -21.59 23.73 -16.22
N ALA B 262 -22.41 24.11 -15.24
CA ALA B 262 -22.54 25.49 -14.80
C ALA B 262 -22.40 25.54 -13.29
N GLN B 263 -21.54 26.43 -12.80
CA GLN B 263 -21.29 26.57 -11.38
C GLN B 263 -21.19 28.04 -11.02
N TYR B 264 -21.57 28.36 -9.78
CA TYR B 264 -21.43 29.71 -9.24
C TYR B 264 -20.87 29.61 -7.84
N GLN B 265 -19.98 30.55 -7.49
CA GLN B 265 -19.34 30.58 -6.18
C GLN B 265 -19.89 31.75 -5.38
N PHE B 266 -20.46 31.47 -4.22
CA PHE B 266 -21.01 32.51 -3.37
C PHE B 266 -19.91 33.14 -2.52
N ASP B 267 -20.27 34.23 -1.85
CA ASP B 267 -19.30 34.94 -1.01
C ASP B 267 -18.94 34.17 0.25
N PHE B 268 -19.90 33.47 0.85
CA PHE B 268 -19.69 32.82 2.13
C PHE B 268 -19.20 31.38 2.01
N GLY B 269 -18.96 30.90 0.80
CA GLY B 269 -18.37 29.58 0.60
C GLY B 269 -19.26 28.55 -0.06
N LEU B 270 -20.51 28.85 -0.38
CA LEU B 270 -21.37 27.88 -1.04
C LEU B 270 -21.14 27.93 -2.55
N ARG B 271 -21.03 26.74 -3.15
CA ARG B 271 -20.76 26.60 -4.59
C ARG B 271 -21.75 25.63 -5.20
N PRO B 272 -22.95 26.09 -5.52
CA PRO B 272 -23.91 25.22 -6.22
C PRO B 272 -23.44 24.90 -7.63
N SER B 273 -23.86 23.74 -8.13
CA SER B 273 -23.44 23.27 -9.44
C SER B 273 -24.58 22.54 -10.13
N VAL B 274 -24.67 22.73 -11.45
CA VAL B 274 -25.63 22.03 -12.29
C VAL B 274 -24.89 21.55 -13.53
N ALA B 275 -25.16 20.32 -13.94
CA ALA B 275 -24.47 19.76 -15.09
C ALA B 275 -25.36 18.75 -15.80
N TYR B 276 -25.03 18.51 -17.08
CA TYR B 276 -25.72 17.52 -17.90
C TYR B 276 -24.68 16.74 -18.69
N LEU B 277 -24.82 15.42 -18.71
CA LEU B 277 -23.90 14.54 -19.41
C LEU B 277 -24.67 13.54 -20.25
N GLN B 278 -24.14 13.23 -21.43
CA GLN B 278 -24.73 12.19 -22.27
C GLN B 278 -23.65 11.53 -23.09
N SER B 279 -23.94 10.31 -23.53
CA SER B 279 -23.02 9.54 -24.36
C SER B 279 -23.84 8.60 -25.23
N LYS B 280 -23.83 8.83 -26.54
CA LYS B 280 -24.68 8.10 -27.47
C LYS B 280 -23.83 7.26 -28.41
N GLY B 281 -24.14 5.97 -28.48
CA GLY B 281 -23.44 5.05 -29.34
C GLY B 281 -24.19 4.77 -30.63
N LYS B 282 -23.44 4.47 -31.69
CA LYS B 282 -24.00 4.23 -33.01
C LYS B 282 -23.37 3.00 -33.63
N ASP B 283 -24.12 2.36 -34.54
CA ASP B 283 -23.63 1.27 -35.38
C ASP B 283 -23.07 0.11 -34.54
N LEU B 284 -23.75 -0.21 -33.44
CA LEU B 284 -23.34 -1.32 -32.62
C LEU B 284 -23.71 -2.65 -33.30
N GLU B 285 -22.96 -3.69 -32.97
CA GLU B 285 -23.18 -5.01 -33.56
C GLU B 285 -24.31 -5.73 -32.81
N ARG B 286 -24.55 -6.98 -33.20
CA ARG B 286 -25.55 -7.86 -32.57
C ARG B 286 -26.96 -7.27 -32.63
N GLY B 287 -27.24 -6.42 -33.61
CA GLY B 287 -28.57 -5.87 -33.76
C GLY B 287 -28.94 -4.82 -32.74
N TYR B 288 -28.00 -4.37 -31.91
CA TYR B 288 -28.31 -3.36 -30.92
C TYR B 288 -28.59 -2.01 -31.57
N GLY B 289 -27.93 -1.70 -32.67
CA GLY B 289 -28.18 -0.44 -33.35
C GLY B 289 -27.65 0.73 -32.56
N ASP B 290 -28.44 1.78 -32.46
CA ASP B 290 -28.07 3.00 -31.75
C ASP B 290 -28.64 2.94 -30.34
N GLN B 291 -27.78 3.07 -29.33
CA GLN B 291 -28.16 2.98 -27.94
C GLN B 291 -27.52 4.12 -27.15
N ASP B 292 -28.15 4.48 -26.04
CA ASP B 292 -27.62 5.50 -25.15
C ASP B 292 -26.73 4.81 -24.11
N ILE B 293 -25.45 5.18 -24.09
CA ILE B 293 -24.53 4.57 -23.15
C ILE B 293 -24.58 5.28 -21.80
N LEU B 294 -24.79 6.59 -21.81
CA LEU B 294 -24.83 7.37 -20.57
C LEU B 294 -25.73 8.58 -20.80
N LYS B 295 -26.60 8.87 -19.84
CA LYS B 295 -27.46 10.03 -19.91
C LYS B 295 -27.98 10.33 -18.51
N TYR B 296 -27.53 11.45 -17.93
CA TYR B 296 -28.04 11.84 -16.62
C TYR B 296 -27.81 13.33 -16.41
N VAL B 297 -28.51 13.88 -15.42
CA VAL B 297 -28.42 15.27 -15.04
C VAL B 297 -27.96 15.33 -13.59
N ASP B 298 -26.98 16.19 -13.31
CA ASP B 298 -26.35 16.27 -12.00
C ASP B 298 -26.64 17.63 -11.37
N VAL B 299 -27.15 17.61 -10.13
CA VAL B 299 -27.42 18.81 -9.36
C VAL B 299 -26.79 18.63 -7.98
N GLY B 300 -26.03 19.64 -7.54
CA GLY B 300 -25.38 19.54 -6.24
C GLY B 300 -24.79 20.86 -5.83
N ALA B 301 -24.15 20.85 -4.66
CA ALA B 301 -23.54 22.04 -4.11
C ALA B 301 -22.39 21.64 -3.20
N THR B 302 -21.52 22.61 -2.91
CA THR B 302 -20.36 22.41 -2.06
C THR B 302 -20.22 23.58 -1.11
N TYR B 303 -19.82 23.31 0.12
CA TYR B 303 -19.55 24.33 1.12
C TYR B 303 -18.11 24.21 1.59
N TYR B 304 -17.38 25.32 1.58
CA TYR B 304 -15.97 25.35 1.94
C TYR B 304 -15.82 26.08 3.27
N PHE B 305 -15.46 25.34 4.32
CA PHE B 305 -15.11 25.98 5.58
C PHE B 305 -13.83 26.80 5.42
N ASN B 306 -12.81 26.19 4.83
CA ASN B 306 -11.56 26.86 4.49
C ASN B 306 -10.90 26.04 3.40
N LYS B 307 -9.61 26.30 3.16
CA LYS B 307 -8.89 25.56 2.14
C LYS B 307 -8.54 24.14 2.56
N ASN B 308 -8.84 23.75 3.79
CA ASN B 308 -8.49 22.42 4.29
C ASN B 308 -9.68 21.53 4.61
N MET B 309 -10.88 22.10 4.75
CA MET B 309 -12.05 21.32 5.11
C MET B 309 -13.25 21.79 4.30
N SER B 310 -14.06 20.83 3.86
CA SER B 310 -15.25 21.14 3.07
C SER B 310 -16.23 19.98 3.14
N THR B 311 -17.48 20.27 2.79
CA THR B 311 -18.52 19.26 2.70
C THR B 311 -19.39 19.56 1.49
N TYR B 312 -20.04 18.51 0.97
CA TYR B 312 -20.80 18.65 -0.26
C TYR B 312 -21.94 17.64 -0.30
N VAL B 313 -22.91 17.91 -1.16
CA VAL B 313 -24.00 17.00 -1.47
C VAL B 313 -24.16 16.97 -2.99
N ASP B 314 -24.35 15.77 -3.55
CA ASP B 314 -24.45 15.58 -4.98
C ASP B 314 -25.63 14.70 -5.30
N TYR B 315 -26.47 15.13 -6.24
CA TYR B 315 -27.64 14.39 -6.67
C TYR B 315 -27.52 14.12 -8.16
N LYS B 316 -27.53 12.85 -8.53
CA LYS B 316 -27.45 12.43 -9.93
C LYS B 316 -28.80 11.88 -10.36
N ILE B 317 -29.42 12.52 -11.34
CA ILE B 317 -30.73 12.14 -11.84
C ILE B 317 -30.50 11.35 -13.12
N ASN B 318 -30.66 10.03 -13.05
CA ASN B 318 -30.38 9.17 -14.18
C ASN B 318 -31.58 9.14 -15.12
N LEU B 319 -31.37 9.55 -16.36
CA LEU B 319 -32.43 9.59 -17.37
C LEU B 319 -32.43 8.39 -18.29
N LEU B 320 -31.57 7.40 -18.05
CA LEU B 320 -31.51 6.23 -18.91
C LEU B 320 -32.75 5.38 -18.76
N ASP B 321 -33.14 4.72 -19.85
CA ASP B 321 -34.28 3.81 -19.87
C ASP B 321 -33.78 2.38 -19.87
N ASP B 322 -34.32 1.56 -18.97
CA ASP B 322 -33.90 0.17 -18.88
C ASP B 322 -34.37 -0.60 -20.11
N ASN B 323 -33.46 -1.36 -20.71
CA ASN B 323 -33.77 -2.18 -21.87
C ASN B 323 -32.78 -3.34 -21.91
N SER B 324 -32.79 -4.08 -23.03
CA SER B 324 -31.92 -5.24 -23.16
C SER B 324 -30.45 -4.83 -23.16
N PHE B 325 -30.11 -3.74 -23.86
CA PHE B 325 -28.71 -3.34 -23.97
C PHE B 325 -28.13 -2.93 -22.62
N THR B 326 -28.88 -2.13 -21.85
CA THR B 326 -28.36 -1.68 -20.55
C THR B 326 -28.19 -2.83 -19.58
N ARG B 327 -29.15 -3.77 -19.56
CA ARG B 327 -29.02 -4.92 -18.68
C ARG B 327 -27.87 -5.83 -19.10
N ASN B 328 -27.70 -6.03 -20.41
CA ASN B 328 -26.64 -6.91 -20.89
C ASN B 328 -25.26 -6.29 -20.65
N ALA B 329 -25.14 -4.98 -20.85
CA ALA B 329 -23.86 -4.29 -20.66
C ALA B 329 -23.62 -3.89 -19.22
N GLY B 330 -24.57 -4.09 -18.32
CA GLY B 330 -24.39 -3.75 -16.92
C GLY B 330 -24.25 -2.27 -16.65
N ILE B 331 -25.08 -1.45 -17.28
CA ILE B 331 -25.05 0.00 -17.10
C ILE B 331 -26.15 0.37 -16.13
N SER B 332 -25.77 1.03 -15.03
CA SER B 332 -26.75 1.40 -14.01
C SER B 332 -27.69 2.48 -14.51
N THR B 333 -28.97 2.35 -14.16
CA THR B 333 -30.00 3.32 -14.56
C THR B 333 -30.76 3.85 -13.35
N ASP B 334 -30.08 4.02 -12.21
CA ASP B 334 -30.71 4.45 -10.98
C ASP B 334 -30.11 5.77 -10.51
N ASP B 335 -30.92 6.54 -9.80
CA ASP B 335 -30.43 7.79 -9.22
C ASP B 335 -29.56 7.51 -8.00
N VAL B 336 -28.63 8.42 -7.73
CA VAL B 336 -27.69 8.27 -6.62
C VAL B 336 -27.59 9.61 -5.90
N VAL B 337 -27.51 9.55 -4.57
CA VAL B 337 -27.29 10.73 -3.72
C VAL B 337 -26.02 10.49 -2.92
N ALA B 338 -25.16 11.51 -2.87
CA ALA B 338 -23.88 11.40 -2.20
C ALA B 338 -23.73 12.50 -1.14
N LEU B 339 -23.18 12.13 0.01
CA LEU B 339 -22.84 13.07 1.08
C LEU B 339 -21.37 12.91 1.41
N GLY B 340 -20.68 14.03 1.59
CA GLY B 340 -19.24 13.98 1.80
C GLY B 340 -18.79 14.97 2.86
N LEU B 341 -17.69 14.61 3.53
CA LEU B 341 -17.03 15.47 4.50
C LEU B 341 -15.54 15.25 4.33
N VAL B 342 -14.84 16.24 3.77
CA VAL B 342 -13.47 16.07 3.31
C VAL B 342 -12.54 16.94 4.13
N TYR B 343 -11.42 16.36 4.57
CA TYR B 343 -10.32 17.11 5.16
C TYR B 343 -9.11 16.99 4.22
N GLN B 344 -8.57 18.12 3.82
CA GLN B 344 -7.44 18.16 2.88
C GLN B 344 -6.21 18.70 3.58
N PHE B 345 -5.06 18.11 3.29
CA PHE B 345 -3.79 18.58 3.84
C PHE B 345 -2.74 18.69 2.75
N GLY C 1 18.71 11.51 1.78
CA GLY C 1 17.38 11.60 2.34
C GLY C 1 17.04 12.97 2.87
N ALA C 2 15.75 13.23 3.03
CA ALA C 2 15.25 14.51 3.53
C ALA C 2 14.89 14.36 5.00
N GLU C 3 15.58 15.12 5.85
CA GLU C 3 15.30 15.11 7.29
C GLU C 3 14.12 16.04 7.56
N ILE C 4 12.99 15.45 7.95
CA ILE C 4 11.74 16.19 8.10
C ILE C 4 11.37 16.44 9.55
N TYR C 5 12.19 15.99 10.50
CA TYR C 5 11.87 16.16 11.91
C TYR C 5 13.12 15.91 12.75
N ASN C 6 13.43 16.84 13.65
CA ASN C 6 14.56 16.67 14.56
C ASN C 6 14.25 17.45 15.83
N LYS C 7 13.72 16.76 16.84
CA LYS C 7 13.43 17.39 18.12
C LYS C 7 13.51 16.33 19.22
N ASP C 8 13.89 16.78 20.41
CA ASP C 8 13.95 15.93 21.60
C ASP C 8 14.85 14.72 21.38
N GLY C 9 15.96 14.92 20.68
CA GLY C 9 16.90 13.85 20.43
C GLY C 9 16.39 12.76 19.51
N ASN C 10 15.32 13.02 18.76
CA ASN C 10 14.77 12.07 17.81
C ASN C 10 14.71 12.71 16.44
N LYS C 11 15.19 12.00 15.43
CA LYS C 11 15.23 12.50 14.06
C LYS C 11 14.54 11.51 13.13
N LEU C 12 13.87 12.04 12.11
CA LEU C 12 13.16 11.24 11.11
C LEU C 12 13.66 11.64 9.73
N ASP C 13 14.02 10.66 8.92
CA ASP C 13 14.52 10.87 7.57
C ASP C 13 13.58 10.20 6.59
N LEU C 14 13.10 10.96 5.61
CA LEU C 14 12.23 10.45 4.56
C LEU C 14 13.03 10.36 3.27
N TYR C 15 12.99 9.20 2.63
CA TYR C 15 13.75 8.97 1.41
C TYR C 15 12.92 8.16 0.44
N GLY C 16 13.34 8.16 -0.82
CA GLY C 16 12.66 7.41 -1.84
C GLY C 16 13.08 7.90 -3.21
N LYS C 17 12.42 7.33 -4.22
CA LYS C 17 12.68 7.73 -5.60
C LYS C 17 11.49 7.36 -6.46
N ILE C 18 11.36 8.05 -7.59
CA ILE C 18 10.36 7.75 -8.61
C ILE C 18 11.11 7.45 -9.89
N ASP C 19 10.91 6.26 -10.43
CA ASP C 19 11.69 5.75 -11.56
C ASP C 19 10.77 5.56 -12.76
N GLY C 20 10.90 6.42 -13.76
CA GLY C 20 10.23 6.22 -15.03
C GLY C 20 11.09 5.36 -15.93
N LEU C 21 10.74 4.07 -16.04
CA LEU C 21 11.61 3.08 -16.64
C LEU C 21 10.88 2.35 -17.76
N HIS C 22 11.60 2.10 -18.85
CA HIS C 22 11.08 1.38 -20.00
C HIS C 22 12.08 0.34 -20.45
N TYR C 23 11.57 -0.83 -20.85
CA TYR C 23 12.40 -1.94 -21.31
C TYR C 23 12.17 -2.19 -22.78
N PHE C 24 13.26 -2.39 -23.52
CA PHE C 24 13.21 -2.79 -24.93
C PHE C 24 13.81 -4.18 -25.04
N SER C 25 12.98 -5.17 -25.31
CA SER C 25 13.45 -6.55 -25.39
C SER C 25 12.57 -7.34 -26.35
N ASP C 26 13.12 -8.43 -26.85
CA ASP C 26 12.35 -9.38 -27.65
C ASP C 26 11.59 -10.38 -26.79
N ASP C 27 11.86 -10.41 -25.49
CA ASP C 27 11.14 -11.28 -24.56
C ASP C 27 9.88 -10.56 -24.09
N LYS C 28 8.72 -11.10 -24.45
CA LYS C 28 7.46 -10.45 -24.12
C LYS C 28 7.19 -10.43 -22.63
N SER C 29 7.89 -11.24 -21.84
CA SER C 29 7.69 -11.24 -20.39
C SER C 29 8.37 -10.08 -19.70
N VAL C 30 9.31 -9.41 -20.38
CA VAL C 30 10.00 -8.28 -19.79
C VAL C 30 9.86 -7.00 -20.61
N ASP C 31 9.49 -7.09 -21.88
CA ASP C 31 9.35 -5.90 -22.72
C ASP C 31 8.17 -5.05 -22.26
N GLY C 32 8.36 -3.73 -22.28
CA GLY C 32 7.28 -2.79 -22.02
C GLY C 32 7.65 -1.83 -20.92
N ASP C 33 6.63 -1.17 -20.38
CA ASP C 33 6.82 -0.17 -19.33
C ASP C 33 7.12 -0.84 -18.00
N GLN C 34 8.01 -0.23 -17.23
CA GLN C 34 8.45 -0.78 -15.95
C GLN C 34 8.53 0.32 -14.89
N THR C 35 7.59 1.26 -14.93
CA THR C 35 7.59 2.36 -13.98
C THR C 35 7.29 1.86 -12.56
N TYR C 36 7.98 2.46 -11.59
CA TYR C 36 7.77 2.12 -10.18
C TYR C 36 8.30 3.26 -9.33
N MET C 37 8.14 3.13 -8.01
CA MET C 37 8.71 4.08 -7.10
C MET C 37 8.99 3.41 -5.76
N ARG C 38 9.89 4.01 -4.99
CA ARG C 38 10.22 3.54 -3.65
C ARG C 38 9.98 4.67 -2.66
N VAL C 39 9.59 4.31 -1.45
CA VAL C 39 9.39 5.27 -0.37
C VAL C 39 9.75 4.59 0.95
N GLY C 40 10.33 5.34 1.87
CA GLY C 40 10.73 4.77 3.14
C GLY C 40 11.05 5.85 4.15
N VAL C 41 11.25 5.40 5.39
CA VAL C 41 11.54 6.29 6.50
C VAL C 41 12.65 5.69 7.35
N LYS C 42 13.54 6.54 7.86
CA LYS C 42 14.60 6.14 8.77
C LYS C 42 14.52 6.98 10.04
N GLY C 43 14.60 6.31 11.19
CA GLY C 43 14.51 6.99 12.45
C GLY C 43 15.71 6.68 13.33
N GLU C 44 15.90 7.54 14.33
CA GLU C 44 17.00 7.38 15.27
C GLU C 44 16.73 8.24 16.49
N THR C 45 16.84 7.64 17.67
CA THR C 45 16.61 8.32 18.93
C THR C 45 17.84 8.18 19.83
N GLN C 46 18.14 9.23 20.56
CA GLN C 46 19.30 9.28 21.45
C GLN C 46 18.83 8.94 22.86
N ILE C 47 18.99 7.67 23.25
CA ILE C 47 18.55 7.24 24.57
C ILE C 47 19.39 7.88 25.66
N ASN C 48 20.72 7.85 25.50
CA ASN C 48 21.62 8.53 26.40
C ASN C 48 22.91 8.85 25.64
N ASP C 49 23.97 9.19 26.38
CA ASP C 49 25.21 9.60 25.73
C ASP C 49 25.88 8.45 25.00
N GLN C 50 25.56 7.20 25.36
CA GLN C 50 26.23 6.05 24.77
C GLN C 50 25.28 4.92 24.37
N LEU C 51 24.00 5.19 24.18
CA LEU C 51 23.04 4.20 23.70
C LEU C 51 22.11 4.88 22.71
N THR C 52 21.77 4.18 21.63
CA THR C 52 20.97 4.75 20.55
C THR C 52 20.05 3.69 19.97
N GLY C 53 18.81 4.09 19.71
CA GLY C 53 17.84 3.22 19.07
C GLY C 53 17.45 3.76 17.71
N TYR C 54 17.10 2.86 16.80
CA TYR C 54 16.81 3.25 15.43
C TYR C 54 15.83 2.26 14.80
N GLY C 55 15.26 2.67 13.68
CA GLY C 55 14.37 1.82 12.92
C GLY C 55 14.25 2.32 11.50
N GLN C 56 14.06 1.39 10.56
CA GLN C 56 14.01 1.73 9.15
C GLN C 56 12.96 0.88 8.46
N TRP C 57 12.20 1.52 7.57
CA TRP C 57 11.16 0.86 6.80
C TRP C 57 11.29 1.27 5.34
N GLU C 58 11.23 0.29 4.44
CA GLU C 58 11.35 0.53 3.01
C GLU C 58 10.23 -0.19 2.28
N TYR C 59 9.55 0.53 1.38
CA TYR C 59 8.34 0.04 0.76
C TYR C 59 8.39 0.32 -0.73
N ASN C 60 8.00 -0.67 -1.53
CA ASN C 60 8.09 -0.60 -2.98
C ASN C 60 6.68 -0.62 -3.58
N VAL C 61 6.44 0.30 -4.50
CA VAL C 61 5.14 0.42 -5.17
C VAL C 61 5.36 0.39 -6.68
N GLN C 62 4.68 -0.54 -7.34
CA GLN C 62 4.72 -0.63 -8.80
C GLN C 62 3.62 0.23 -9.39
N ALA C 63 3.94 0.95 -10.47
CA ALA C 63 2.99 1.84 -11.13
C ALA C 63 2.97 1.62 -12.63
N ASN C 64 3.25 0.40 -13.08
CA ASN C 64 3.25 0.07 -14.50
C ASN C 64 2.03 -0.77 -14.90
N ASN C 65 1.05 -0.92 -14.01
CA ASN C 65 -0.14 -1.71 -14.29
C ASN C 65 -1.38 -0.87 -14.01
N THR C 66 -2.54 -1.42 -14.36
CA THR C 66 -3.79 -0.69 -14.23
C THR C 66 -4.19 -0.56 -12.76
N GLU C 67 -5.17 0.31 -12.50
CA GLU C 67 -5.63 0.55 -11.14
C GLU C 67 -6.44 -0.61 -10.59
N SER C 68 -6.88 -1.53 -11.44
CA SER C 68 -7.62 -2.70 -11.00
C SER C 68 -6.73 -3.93 -10.82
N SER C 69 -5.43 -3.79 -11.00
CA SER C 69 -4.53 -4.93 -10.86
C SER C 69 -4.31 -5.27 -9.39
N SER C 70 -3.60 -6.37 -9.15
CA SER C 70 -3.40 -6.90 -7.82
C SER C 70 -1.93 -7.12 -7.54
N ASP C 71 -1.55 -7.01 -6.26
CA ASP C 71 -0.21 -7.27 -5.78
C ASP C 71 0.83 -6.41 -6.51
N GLN C 72 0.70 -5.10 -6.32
CA GLN C 72 1.59 -4.13 -6.94
C GLN C 72 2.48 -3.42 -5.93
N ALA C 73 2.31 -3.66 -4.64
CA ALA C 73 3.11 -3.02 -3.62
C ALA C 73 3.55 -4.04 -2.59
N TRP C 74 4.79 -3.90 -2.12
CA TRP C 74 5.33 -4.82 -1.11
C TRP C 74 6.40 -4.10 -0.32
N THR C 75 6.75 -4.71 0.81
CA THR C 75 7.71 -4.14 1.76
C THR C 75 9.08 -4.78 1.53
N ARG C 76 10.12 -3.95 1.48
CA ARG C 76 11.47 -4.43 1.29
C ARG C 76 12.24 -4.56 2.61
N LEU C 77 12.21 -3.52 3.44
CA LEU C 77 12.95 -3.50 4.68
C LEU C 77 12.06 -3.05 5.82
N ALA C 78 12.23 -3.69 6.98
CA ALA C 78 11.55 -3.27 8.20
C ALA C 78 12.29 -3.89 9.38
N PHE C 79 12.90 -3.06 10.22
CA PHE C 79 13.65 -3.56 11.36
C PHE C 79 13.84 -2.44 12.36
N ALA C 80 14.06 -2.83 13.62
CA ALA C 80 14.39 -1.91 14.70
C ALA C 80 15.57 -2.46 15.48
N GLY C 81 16.39 -1.58 16.02
CA GLY C 81 17.57 -2.04 16.70
C GLY C 81 18.14 -1.03 17.67
N LEU C 82 19.25 -1.42 18.30
CA LEU C 82 19.93 -0.61 19.29
C LEU C 82 21.42 -0.55 18.98
N LYS C 83 22.07 0.54 19.39
CA LYS C 83 23.51 0.71 19.24
C LYS C 83 24.12 0.97 20.59
N PHE C 84 25.06 0.11 21.00
CA PHE C 84 25.71 0.20 22.30
C PHE C 84 27.04 0.93 22.15
N GLY C 85 26.96 2.17 21.71
CA GLY C 85 28.16 2.98 21.51
C GLY C 85 29.10 2.39 20.47
N ASP C 86 30.27 1.95 20.91
CA ASP C 86 31.22 1.28 20.03
C ASP C 86 31.34 -0.21 20.31
N ALA C 87 30.47 -0.76 21.17
CA ALA C 87 30.51 -2.18 21.47
C ALA C 87 29.73 -3.02 20.48
N GLY C 88 29.09 -2.40 19.49
CA GLY C 88 28.35 -3.11 18.48
C GLY C 88 26.92 -2.62 18.39
N SER C 89 26.12 -3.38 17.64
CA SER C 89 24.71 -3.08 17.47
C SER C 89 23.93 -4.36 17.24
N PHE C 90 22.63 -4.31 17.51
CA PHE C 90 21.75 -5.46 17.32
C PHE C 90 20.42 -4.96 16.78
N ASP C 91 19.84 -5.70 15.83
CA ASP C 91 18.56 -5.34 15.27
C ASP C 91 17.85 -6.61 14.79
N TYR C 92 16.52 -6.53 14.75
CA TYR C 92 15.70 -7.65 14.31
C TYR C 92 14.61 -7.14 13.37
N GLY C 93 14.24 -8.00 12.42
CA GLY C 93 13.20 -7.67 11.46
C GLY C 93 13.51 -8.20 10.08
N ARG C 94 12.95 -7.57 9.06
CA ARG C 94 13.25 -7.92 7.67
C ARG C 94 14.44 -7.09 7.22
N ASN C 95 15.59 -7.74 7.07
CA ASN C 95 16.82 -7.02 6.78
C ASN C 95 17.66 -7.83 5.80
N TYR C 96 18.78 -7.24 5.37
CA TYR C 96 19.66 -7.90 4.44
C TYR C 96 20.45 -9.02 5.12
N GLY C 97 20.75 -10.07 4.35
CA GLY C 97 21.63 -11.10 4.84
C GLY C 97 23.07 -10.65 4.91
N VAL C 98 23.88 -11.40 5.66
CA VAL C 98 25.29 -11.04 5.82
C VAL C 98 26.07 -11.30 4.54
N VAL C 99 25.57 -12.18 3.67
CA VAL C 99 26.23 -12.40 2.39
C VAL C 99 26.18 -11.14 1.53
N TYR C 100 25.12 -10.35 1.69
CA TYR C 100 25.02 -9.11 0.94
C TYR C 100 26.15 -8.15 1.30
N ASP C 101 26.66 -8.23 2.54
CA ASP C 101 27.73 -7.33 2.96
C ASP C 101 28.95 -7.43 2.05
N VAL C 102 29.13 -8.57 1.39
CA VAL C 102 30.22 -8.74 0.45
C VAL C 102 29.72 -8.69 -1.00
N THR C 103 28.55 -9.25 -1.26
CA THR C 103 28.06 -9.32 -2.64
C THR C 103 27.47 -8.00 -3.14
N SER C 104 27.35 -6.98 -2.29
CA SER C 104 26.85 -5.69 -2.73
C SER C 104 27.92 -4.82 -3.34
N TRP C 105 29.19 -5.22 -3.25
CA TRP C 105 30.26 -4.43 -3.84
C TRP C 105 30.16 -4.40 -5.36
N THR C 106 29.65 -5.47 -5.97
CA THR C 106 29.45 -5.54 -7.40
C THR C 106 28.03 -5.20 -7.83
N ASP C 107 27.17 -4.82 -6.88
CA ASP C 107 25.78 -4.49 -7.18
C ASP C 107 25.60 -2.98 -7.32
N VAL C 108 26.25 -2.43 -8.35
CA VAL C 108 26.28 -0.99 -8.56
C VAL C 108 25.91 -0.65 -10.00
N LEU C 109 25.36 -1.62 -10.72
CA LEU C 109 24.98 -1.38 -12.11
C LEU C 109 23.76 -0.47 -12.18
N PRO C 110 23.58 0.23 -13.32
CA PRO C 110 22.44 1.15 -13.43
C PRO C 110 21.08 0.50 -13.22
N GLU C 111 20.75 -0.49 -14.03
CA GLU C 111 19.46 -1.17 -13.91
C GLU C 111 19.58 -2.67 -13.68
N PHE C 112 20.47 -3.34 -14.39
CA PHE C 112 20.60 -4.78 -14.29
C PHE C 112 21.65 -5.12 -13.24
N GLY C 113 22.10 -6.38 -13.23
CA GLY C 113 23.17 -6.80 -12.36
C GLY C 113 22.70 -7.21 -10.98
N GLY C 114 23.61 -7.89 -10.27
CA GLY C 114 23.29 -8.37 -8.95
C GLY C 114 22.15 -9.37 -8.93
N ASP C 115 22.12 -10.29 -9.89
CA ASP C 115 21.05 -11.28 -9.98
C ASP C 115 21.56 -12.70 -10.07
N THR C 116 22.78 -12.98 -9.57
CA THR C 116 23.18 -14.36 -9.37
C THR C 116 22.48 -14.98 -8.17
N TYR C 117 21.77 -14.16 -7.39
CA TYR C 117 21.01 -14.60 -6.23
C TYR C 117 19.66 -13.92 -6.26
N GLY C 118 18.76 -14.36 -5.39
CA GLY C 118 17.44 -13.76 -5.33
C GLY C 118 17.07 -13.27 -3.95
N SER C 119 16.03 -12.44 -3.87
CA SER C 119 15.50 -12.02 -2.58
C SER C 119 14.76 -13.17 -1.92
N ASP C 120 14.75 -13.16 -0.58
CA ASP C 120 14.15 -14.22 0.21
C ASP C 120 14.74 -15.58 -0.16
N ASN C 121 16.04 -15.59 -0.43
CA ASN C 121 16.78 -16.80 -0.79
C ASN C 121 17.85 -17.01 0.27
N PHE C 122 17.46 -17.69 1.35
CA PHE C 122 18.34 -17.97 2.49
C PHE C 122 18.91 -16.63 2.97
N LEU C 123 20.23 -16.52 3.18
CA LEU C 123 20.83 -15.30 3.72
C LEU C 123 21.61 -14.52 2.68
N GLN C 124 21.26 -14.66 1.41
CA GLN C 124 21.99 -13.95 0.35
C GLN C 124 21.42 -12.57 0.06
N SER C 125 20.19 -12.30 0.44
CA SER C 125 19.54 -11.02 0.17
C SER C 125 18.56 -10.75 1.31
N ARG C 126 17.62 -9.83 1.07
CA ARG C 126 16.61 -9.50 2.06
C ARG C 126 15.87 -10.75 2.50
N ALA C 127 15.70 -10.90 3.81
CA ALA C 127 15.08 -12.09 4.39
C ALA C 127 14.14 -11.67 5.49
N ASN C 128 13.44 -12.65 6.05
CA ASN C 128 12.45 -12.43 7.10
C ASN C 128 12.95 -12.97 8.42
N GLY C 129 12.79 -12.17 9.47
CA GLY C 129 13.13 -12.59 10.82
C GLY C 129 14.60 -12.87 11.03
N VAL C 130 15.45 -11.96 10.56
CA VAL C 130 16.89 -12.08 10.74
C VAL C 130 17.32 -11.20 11.90
N ALA C 131 18.04 -11.79 12.86
CA ALA C 131 18.58 -11.06 14.00
C ALA C 131 20.08 -10.88 13.75
N THR C 132 20.50 -9.63 13.55
CA THR C 132 21.86 -9.32 13.15
C THR C 132 22.57 -8.56 14.25
N TYR C 133 23.75 -9.02 14.62
CA TYR C 133 24.66 -8.31 15.52
C TYR C 133 25.86 -7.86 14.70
N ARG C 134 26.10 -6.55 14.67
CA ARG C 134 27.18 -5.97 13.90
C ARG C 134 28.14 -5.24 14.81
N ASN C 135 29.43 -5.47 14.62
CA ASN C 135 30.47 -4.81 15.40
C ASN C 135 31.43 -4.11 14.43
N SER C 136 31.68 -2.83 14.66
CA SER C 136 32.64 -2.09 13.88
C SER C 136 33.97 -2.02 14.62
N ASP C 137 35.06 -2.15 13.88
CA ASP C 137 36.44 -2.13 14.37
C ASP C 137 36.73 -3.28 15.32
N PHE C 138 35.99 -4.38 15.24
CA PHE C 138 36.30 -5.63 15.94
C PHE C 138 36.63 -5.39 17.41
N PHE C 139 35.62 -4.91 18.13
CA PHE C 139 35.75 -4.52 19.53
C PHE C 139 36.81 -3.44 19.68
N GLY C 140 38.02 -3.83 20.05
CA GLY C 140 39.14 -2.91 20.13
C GLY C 140 40.44 -3.53 19.68
N LEU C 141 40.38 -4.79 19.22
CA LEU C 141 41.59 -5.51 18.86
C LEU C 141 42.29 -4.86 17.66
N VAL C 142 41.53 -4.51 16.63
CA VAL C 142 42.07 -3.90 15.42
C VAL C 142 41.21 -2.71 15.03
N ASP C 143 41.64 -2.01 13.99
CA ASP C 143 40.93 -0.85 13.47
C ASP C 143 40.61 -1.09 12.01
N GLY C 144 39.42 -0.67 11.58
CA GLY C 144 39.01 -0.78 10.20
C GLY C 144 38.43 -2.12 9.79
N LEU C 145 38.22 -3.04 10.73
CA LEU C 145 37.72 -4.37 10.44
C LEU C 145 36.29 -4.49 10.92
N ASN C 146 35.36 -4.64 9.98
CA ASN C 146 33.95 -4.83 10.30
C ASN C 146 33.65 -6.30 10.49
N PHE C 147 32.65 -6.59 11.32
CA PHE C 147 32.34 -7.97 11.70
C PHE C 147 30.87 -8.06 12.08
N ALA C 148 30.25 -9.20 11.80
CA ALA C 148 28.82 -9.34 12.01
C ALA C 148 28.43 -10.80 12.17
N LEU C 149 27.42 -11.03 13.01
CA LEU C 149 26.75 -12.32 13.11
C LEU C 149 25.29 -12.15 12.73
N GLN C 150 24.66 -13.25 12.35
CA GLN C 150 23.25 -13.22 12.01
C GLN C 150 22.61 -14.56 12.36
N TYR C 151 21.33 -14.51 12.68
CA TYR C 151 20.53 -15.72 12.90
C TYR C 151 19.14 -15.50 12.30
N GLN C 152 18.59 -16.56 11.71
CA GLN C 152 17.29 -16.49 11.07
C GLN C 152 16.43 -17.66 11.51
N GLY C 153 15.17 -17.38 11.83
CA GLY C 153 14.25 -18.43 12.20
C GLY C 153 13.64 -19.13 11.01
N LYS C 154 12.96 -20.24 11.29
CA LYS C 154 12.34 -21.03 10.23
C LYS C 154 11.19 -20.26 9.59
N ASN C 155 11.08 -20.39 8.27
CA ASN C 155 9.96 -19.84 7.50
C ASN C 155 9.38 -20.98 6.68
N GLY C 156 8.41 -21.68 7.24
CA GLY C 156 7.90 -22.91 6.68
C GLY C 156 6.78 -22.71 5.67
N SER C 157 6.08 -23.80 5.39
CA SER C 157 5.05 -23.83 4.36
C SER C 157 3.78 -23.15 4.85
N VAL C 158 2.82 -23.00 3.94
CA VAL C 158 1.54 -22.39 4.29
C VAL C 158 0.78 -23.25 5.28
N SER C 159 0.75 -24.56 5.05
CA SER C 159 0.09 -25.48 5.96
C SER C 159 0.81 -26.83 5.91
N GLY C 160 0.64 -27.61 6.97
CA GLY C 160 1.24 -28.91 7.07
C GLY C 160 2.08 -29.06 8.33
N GLU C 161 2.97 -30.05 8.31
CA GLU C 161 3.80 -30.32 9.48
C GLU C 161 4.84 -29.24 9.69
N GLY C 162 5.41 -28.73 8.60
CA GLY C 162 6.48 -27.76 8.71
C GLY C 162 6.01 -26.32 8.54
N ALA C 163 4.72 -26.08 8.75
CA ALA C 163 4.16 -24.77 8.53
C ALA C 163 4.53 -23.80 9.65
N THR C 164 4.54 -22.52 9.31
CA THR C 164 4.64 -21.42 10.26
C THR C 164 3.54 -20.41 9.95
N ASN C 165 3.50 -19.33 10.73
CA ASN C 165 2.45 -18.33 10.51
C ASN C 165 2.59 -17.67 9.15
N ASN C 166 3.81 -17.41 8.70
CA ASN C 166 4.08 -16.79 7.41
C ASN C 166 4.53 -17.89 6.44
N GLY C 167 3.56 -18.59 5.86
CA GLY C 167 3.89 -19.63 4.91
C GLY C 167 4.24 -19.09 3.54
N ARG C 168 4.86 -19.95 2.74
CA ARG C 168 5.33 -19.55 1.42
C ARG C 168 5.65 -20.80 0.62
N GLY C 169 5.84 -20.62 -0.68
CA GLY C 169 6.24 -21.71 -1.54
C GLY C 169 7.65 -22.17 -1.27
N TRP C 170 7.97 -23.36 -1.79
CA TRP C 170 9.27 -23.98 -1.52
C TRP C 170 10.44 -23.14 -2.00
N SER C 171 10.21 -22.25 -2.97
CA SER C 171 11.30 -21.44 -3.50
C SER C 171 11.82 -20.43 -2.49
N LYS C 172 11.05 -20.12 -1.45
CA LYS C 172 11.45 -19.13 -0.46
C LYS C 172 11.41 -19.64 0.97
N GLN C 173 11.26 -20.95 1.18
CA GLN C 173 11.27 -21.50 2.52
C GLN C 173 12.71 -21.75 2.99
N ASN C 174 12.86 -21.86 4.30
CA ASN C 174 14.16 -22.18 4.88
C ASN C 174 13.95 -22.64 6.33
N GLY C 175 14.99 -23.26 6.88
CA GLY C 175 15.03 -23.64 8.27
C GLY C 175 15.83 -22.65 9.09
N ASP C 176 16.26 -23.10 10.26
CA ASP C 176 17.13 -22.28 11.10
C ASP C 176 18.47 -22.10 10.43
N GLY C 177 19.01 -20.88 10.47
CA GLY C 177 20.27 -20.59 9.82
C GLY C 177 21.02 -19.48 10.51
N PHE C 178 22.30 -19.38 10.16
CA PHE C 178 23.18 -18.36 10.72
C PHE C 178 24.22 -17.98 9.68
N GLY C 179 24.83 -16.81 9.87
CA GLY C 179 25.83 -16.35 8.94
C GLY C 179 26.76 -15.33 9.58
N THR C 180 27.95 -15.22 9.00
CA THR C 180 28.96 -14.27 9.46
C THR C 180 29.58 -13.57 8.26
N SER C 181 30.10 -12.37 8.50
CA SER C 181 30.79 -11.59 7.48
C SER C 181 32.02 -10.95 8.09
N LEU C 182 32.97 -10.60 7.24
CA LEU C 182 34.24 -10.03 7.70
C LEU C 182 34.85 -9.21 6.58
N THR C 183 34.85 -7.88 6.75
CA THR C 183 35.42 -6.97 5.76
C THR C 183 36.57 -6.19 6.38
N TYR C 184 37.61 -5.97 5.60
CA TYR C 184 38.81 -5.28 6.08
C TYR C 184 39.37 -4.42 4.96
N ASP C 185 40.12 -3.39 5.35
CA ASP C 185 40.78 -2.51 4.39
C ASP C 185 42.30 -2.68 4.44
N GLY C 189 42.39 2.46 -0.64
CA GLY C 189 40.99 2.27 -0.98
C GLY C 189 40.62 0.82 -1.23
N ILE C 190 41.63 -0.05 -1.18
CA ILE C 190 41.40 -1.47 -1.43
C ILE C 190 40.73 -2.09 -0.22
N SER C 191 39.69 -2.89 -0.47
CA SER C 191 38.95 -3.56 0.58
C SER C 191 38.82 -5.03 0.25
N ALA C 192 38.80 -5.86 1.27
CA ALA C 192 38.63 -7.30 1.13
C ALA C 192 37.52 -7.77 2.05
N GLY C 193 36.73 -8.73 1.57
CA GLY C 193 35.59 -9.21 2.33
C GLY C 193 35.44 -10.71 2.22
N PHE C 194 34.74 -11.27 3.21
CA PHE C 194 34.45 -12.70 3.25
C PHE C 194 33.15 -12.91 4.01
N ALA C 195 32.30 -13.77 3.49
CA ALA C 195 31.02 -14.07 4.13
C ALA C 195 30.75 -15.56 4.04
N TYR C 196 30.01 -16.06 5.03
CA TYR C 196 29.67 -17.48 5.10
C TYR C 196 28.31 -17.62 5.77
N SER C 197 27.44 -18.43 5.17
CA SER C 197 26.11 -18.66 5.72
C SER C 197 25.81 -20.15 5.68
N HIS C 198 24.95 -20.59 6.60
CA HIS C 198 24.59 -22.00 6.72
C HIS C 198 23.16 -22.08 7.22
N SER C 199 22.29 -22.70 6.44
CA SER C 199 20.87 -22.79 6.78
C SER C 199 20.38 -24.21 6.59
N LYS C 200 19.37 -24.59 7.37
CA LYS C 200 18.71 -25.86 7.19
C LYS C 200 17.70 -25.77 6.05
N ARG C 201 17.47 -26.89 5.39
CA ARG C 201 16.52 -26.97 4.28
C ARG C 201 15.25 -27.65 4.76
N THR C 202 14.10 -27.07 4.40
CA THR C 202 12.82 -27.65 4.78
C THR C 202 12.56 -28.94 4.01
N ASP C 203 11.64 -29.74 4.56
CA ASP C 203 11.30 -31.00 3.92
C ASP C 203 10.60 -30.79 2.58
N GLU C 204 9.86 -29.69 2.45
CA GLU C 204 9.16 -29.41 1.21
C GLU C 204 10.14 -29.14 0.07
N GLN C 205 11.23 -28.43 0.36
CA GLN C 205 12.23 -28.15 -0.67
C GLN C 205 12.92 -29.41 -1.17
N ASN C 206 12.91 -30.48 -0.38
CA ASN C 206 13.57 -31.72 -0.76
C ASN C 206 12.64 -32.71 -1.46
N SER C 207 11.37 -32.38 -1.63
CA SER C 207 10.41 -33.30 -2.23
C SER C 207 9.65 -32.72 -3.39
N VAL C 208 9.27 -31.45 -3.34
CA VAL C 208 8.44 -30.86 -4.39
C VAL C 208 9.23 -30.63 -5.67
N PRO C 209 10.32 -29.84 -5.68
CA PRO C 209 10.99 -29.59 -6.95
C PRO C 209 11.82 -30.78 -7.39
N ALA C 210 12.07 -30.86 -8.70
CA ALA C 210 12.79 -31.99 -9.25
C ALA C 210 14.29 -31.92 -8.97
N LEU C 211 14.84 -30.70 -8.88
CA LEU C 211 16.28 -30.50 -8.76
C LEU C 211 16.63 -30.01 -7.36
N GLY C 212 17.69 -30.58 -6.79
CA GLY C 212 18.22 -30.11 -5.52
C GLY C 212 17.82 -30.97 -4.34
N ARG C 213 18.77 -31.78 -3.84
CA ARG C 213 18.55 -32.63 -2.68
C ARG C 213 19.70 -32.43 -1.71
N GLY C 214 19.37 -32.24 -0.44
CA GLY C 214 20.38 -32.03 0.56
C GLY C 214 19.76 -31.61 1.87
N ASP C 215 20.59 -31.62 2.92
CA ASP C 215 20.14 -31.25 4.25
C ASP C 215 20.39 -29.78 4.58
N ASN C 216 21.48 -29.21 4.09
CA ASN C 216 21.89 -27.87 4.45
C ASN C 216 22.16 -27.06 3.19
N ALA C 217 21.99 -25.74 3.31
CA ALA C 217 22.37 -24.79 2.29
C ALA C 217 23.53 -23.96 2.81
N GLU C 218 24.65 -23.98 2.07
CA GLU C 218 25.86 -23.29 2.49
C GLU C 218 26.30 -22.34 1.40
N THR C 219 27.01 -21.28 1.80
CA THR C 219 27.47 -20.26 0.88
C THR C 219 28.82 -19.73 1.34
N TYR C 220 29.79 -19.73 0.43
CA TYR C 220 31.10 -19.15 0.67
C TYR C 220 31.32 -18.03 -0.34
N THR C 221 31.69 -16.85 0.15
CA THR C 221 31.85 -15.70 -0.72
C THR C 221 33.16 -14.99 -0.40
N GLY C 222 33.91 -14.65 -1.44
CA GLY C 222 35.08 -13.82 -1.31
C GLY C 222 34.95 -12.59 -2.19
N GLY C 223 35.46 -11.45 -1.74
CA GLY C 223 35.25 -10.21 -2.46
C GLY C 223 36.48 -9.33 -2.45
N LEU C 224 36.56 -8.49 -3.47
CA LEU C 224 37.61 -7.48 -3.59
C LEU C 224 36.97 -6.19 -4.09
N LYS C 225 37.56 -5.06 -3.74
CA LYS C 225 36.98 -3.78 -4.12
C LYS C 225 38.07 -2.72 -4.13
N TYR C 226 38.03 -1.88 -5.17
CA TYR C 226 38.89 -0.71 -5.28
C TYR C 226 38.03 0.51 -5.52
N ASP C 227 38.16 1.51 -4.65
CA ASP C 227 37.32 2.72 -4.73
C ASP C 227 38.20 3.91 -4.40
N ALA C 228 38.76 4.53 -5.43
CA ALA C 228 39.61 5.71 -5.26
C ALA C 228 39.86 6.34 -6.62
N ASN C 229 40.13 7.65 -6.60
CA ASN C 229 40.48 8.40 -7.80
C ASN C 229 39.41 8.29 -8.88
N ASN C 230 38.14 8.31 -8.46
CA ASN C 230 36.99 8.21 -9.35
C ASN C 230 37.00 6.91 -10.15
N ILE C 231 37.58 5.86 -9.59
CA ILE C 231 37.64 4.55 -10.23
C ILE C 231 37.01 3.54 -9.29
N TYR C 232 36.11 2.71 -9.82
CA TYR C 232 35.44 1.68 -9.04
C TYR C 232 35.66 0.33 -9.71
N LEU C 233 36.42 -0.54 -9.03
CA LEU C 233 36.64 -1.90 -9.47
C LEU C 233 36.20 -2.83 -8.35
N ALA C 234 35.38 -3.84 -8.69
CA ALA C 234 34.91 -4.77 -7.70
C ALA C 234 34.63 -6.12 -8.36
N SER C 235 34.90 -7.18 -7.62
CA SER C 235 34.64 -8.53 -8.09
C SER C 235 34.36 -9.42 -6.90
N GLN C 236 33.49 -10.41 -7.10
CA GLN C 236 33.19 -11.36 -6.05
C GLN C 236 33.00 -12.73 -6.66
N TYR C 237 33.46 -13.76 -5.95
CA TYR C 237 33.31 -15.14 -6.37
C TYR C 237 32.60 -15.90 -5.25
N THR C 238 31.55 -16.63 -5.62
CA THR C 238 30.71 -17.30 -4.64
C THR C 238 30.51 -18.75 -5.07
N GLN C 239 30.64 -19.67 -4.12
CA GLN C 239 30.35 -21.08 -4.33
C GLN C 239 29.26 -21.49 -3.36
N THR C 240 28.14 -21.97 -3.89
CA THR C 240 26.97 -22.29 -3.09
C THR C 240 26.68 -23.78 -3.18
N TYR C 241 25.98 -24.30 -2.17
CA TYR C 241 25.65 -25.71 -2.08
C TYR C 241 24.16 -25.85 -1.77
N ASN C 242 23.39 -26.30 -2.75
CA ASN C 242 21.95 -26.46 -2.63
C ASN C 242 21.28 -25.14 -2.23
N ALA C 243 21.78 -24.03 -2.76
CA ALA C 243 21.29 -22.72 -2.37
C ALA C 243 21.00 -21.78 -3.55
N THR C 244 21.31 -22.16 -4.77
CA THR C 244 21.07 -21.32 -5.94
C THR C 244 19.90 -21.87 -6.73
N ARG C 245 18.90 -21.03 -6.98
CA ARG C 245 17.73 -21.46 -7.73
C ARG C 245 18.10 -21.74 -9.17
N ALA C 246 17.68 -22.89 -9.68
CA ALA C 246 17.88 -23.24 -11.08
C ALA C 246 16.60 -22.92 -11.86
N GLY C 247 16.32 -21.62 -11.93
CA GLY C 247 15.07 -21.18 -12.53
C GLY C 247 13.88 -21.63 -11.70
N SER C 248 12.88 -22.19 -12.37
CA SER C 248 11.69 -22.71 -11.71
C SER C 248 11.75 -24.21 -11.46
N LEU C 249 12.87 -24.87 -11.81
CA LEU C 249 12.97 -26.31 -11.65
C LEU C 249 13.47 -26.73 -10.28
N GLY C 250 13.97 -25.81 -9.47
CA GLY C 250 14.44 -26.17 -8.14
C GLY C 250 15.73 -25.49 -7.74
N PHE C 251 16.65 -26.27 -7.18
CA PHE C 251 17.91 -25.77 -6.66
C PHE C 251 19.07 -26.54 -7.30
N ALA C 252 20.18 -25.82 -7.51
CA ALA C 252 21.38 -26.43 -8.06
C ALA C 252 22.20 -27.05 -6.94
N ASN C 253 22.67 -28.28 -7.17
CA ASN C 253 23.48 -28.96 -6.17
C ASN C 253 24.76 -28.20 -5.88
N LYS C 254 25.43 -27.71 -6.94
CA LYS C 254 26.60 -26.88 -6.79
C LYS C 254 26.52 -25.75 -7.80
N ALA C 255 26.88 -24.55 -7.36
CA ALA C 255 26.91 -23.38 -8.23
C ALA C 255 28.17 -22.58 -7.97
N GLN C 256 28.67 -21.94 -9.01
CA GLN C 256 29.85 -21.08 -8.93
C GLN C 256 29.53 -19.77 -9.62
N ASN C 257 29.27 -18.73 -8.83
CA ASN C 257 28.91 -17.43 -9.35
C ASN C 257 30.13 -16.52 -9.37
N PHE C 258 30.27 -15.73 -10.42
CA PHE C 258 31.37 -14.80 -10.55
C PHE C 258 30.89 -13.57 -11.30
N GLU C 259 30.97 -12.41 -10.64
CA GLU C 259 30.59 -11.15 -11.25
C GLU C 259 31.66 -10.11 -10.98
N VAL C 260 31.97 -9.31 -11.99
CA VAL C 260 33.00 -8.29 -11.92
C VAL C 260 32.49 -7.03 -12.60
N VAL C 261 32.78 -5.87 -12.01
CA VAL C 261 32.27 -4.60 -12.48
C VAL C 261 33.40 -3.58 -12.48
N ALA C 262 33.43 -2.74 -13.52
CA ALA C 262 34.38 -1.64 -13.62
C ALA C 262 33.61 -0.37 -13.96
N GLN C 263 33.83 0.69 -13.19
CA GLN C 263 33.16 1.96 -13.41
C GLN C 263 34.16 3.10 -13.29
N TYR C 264 33.88 4.19 -13.99
CA TYR C 264 34.66 5.41 -13.89
C TYR C 264 33.72 6.60 -13.87
N GLN C 265 33.92 7.48 -12.88
CA GLN C 265 33.07 8.66 -12.70
C GLN C 265 33.75 9.86 -13.35
N PHE C 266 33.06 10.49 -14.30
CA PHE C 266 33.61 11.64 -14.98
C PHE C 266 33.34 12.92 -14.19
N ASP C 267 34.03 13.99 -14.58
CA ASP C 267 33.94 15.25 -13.86
C ASP C 267 32.58 15.91 -13.99
N PHE C 268 31.92 15.76 -15.14
CA PHE C 268 30.65 16.44 -15.39
C PHE C 268 29.43 15.61 -15.04
N GLY C 269 29.61 14.42 -14.48
CA GLY C 269 28.49 13.62 -13.99
C GLY C 269 28.23 12.33 -14.72
N LEU C 270 28.99 11.99 -15.76
CA LEU C 270 28.76 10.74 -16.48
C LEU C 270 29.54 9.61 -15.82
N ARG C 271 28.87 8.47 -15.63
CA ARG C 271 29.45 7.30 -14.97
C ARG C 271 29.22 6.06 -15.82
N PRO C 272 30.00 5.88 -16.88
CA PRO C 272 29.90 4.65 -17.66
C PRO C 272 30.36 3.45 -16.86
N SER C 273 29.74 2.30 -17.14
CA SER C 273 30.05 1.08 -16.41
C SER C 273 30.07 -0.11 -17.36
N VAL C 274 30.92 -1.08 -17.05
CA VAL C 274 31.01 -2.34 -17.77
C VAL C 274 31.06 -3.46 -16.75
N ALA C 275 30.30 -4.53 -16.98
CA ALA C 275 30.22 -5.61 -16.02
C ALA C 275 30.04 -6.94 -16.75
N TYR C 276 30.41 -8.02 -16.07
CA TYR C 276 30.22 -9.37 -16.57
C TYR C 276 29.74 -10.25 -15.43
N LEU C 277 28.71 -11.05 -15.70
CA LEU C 277 28.10 -11.91 -14.70
C LEU C 277 27.96 -13.32 -15.28
N GLN C 278 28.22 -14.32 -14.44
CA GLN C 278 28.00 -15.70 -14.86
C GLN C 278 27.65 -16.54 -13.64
N SER C 279 26.97 -17.65 -13.89
CA SER C 279 26.55 -18.57 -12.84
C SER C 279 26.41 -19.95 -13.46
N LYS C 280 27.28 -20.86 -13.05
CA LYS C 280 27.32 -22.20 -13.62
C LYS C 280 26.86 -23.22 -12.58
N GLY C 281 25.87 -24.04 -12.94
CA GLY C 281 25.38 -25.08 -12.08
C GLY C 281 26.05 -26.41 -12.38
N LYS C 282 26.16 -27.25 -11.35
CA LYS C 282 26.81 -28.55 -11.48
C LYS C 282 25.96 -29.62 -10.82
N ASP C 283 26.14 -30.86 -11.31
CA ASP C 283 25.50 -32.03 -10.72
C ASP C 283 23.98 -31.90 -10.65
N LEU C 284 23.40 -31.32 -11.71
CA LEU C 284 21.95 -31.22 -11.77
C LEU C 284 21.33 -32.57 -12.10
N GLU C 285 20.17 -32.82 -11.53
CA GLU C 285 19.47 -34.09 -11.72
C GLU C 285 18.78 -34.09 -13.08
N ARG C 286 17.98 -35.13 -13.34
CA ARG C 286 17.19 -35.27 -14.57
C ARG C 286 18.05 -35.30 -15.82
N GLY C 287 19.33 -35.67 -15.68
CA GLY C 287 20.21 -35.73 -16.83
C GLY C 287 20.65 -34.40 -17.39
N TYR C 288 20.37 -33.31 -16.69
CA TYR C 288 20.79 -31.99 -17.18
C TYR C 288 22.30 -31.81 -17.12
N GLY C 289 22.95 -32.40 -16.11
CA GLY C 289 24.39 -32.25 -16.01
C GLY C 289 24.78 -30.84 -15.61
N ASP C 290 25.84 -30.34 -16.21
CA ASP C 290 26.33 -28.98 -15.94
C ASP C 290 25.70 -28.02 -16.93
N GLN C 291 25.05 -26.99 -16.42
CA GLN C 291 24.35 -26.00 -17.24
C GLN C 291 24.69 -24.60 -16.75
N ASP C 292 24.54 -23.63 -17.64
CA ASP C 292 24.76 -22.23 -17.32
C ASP C 292 23.44 -21.61 -16.90
N ILE C 293 23.35 -21.17 -15.64
CA ILE C 293 22.12 -20.58 -15.14
C ILE C 293 22.00 -19.12 -15.59
N LEU C 294 23.14 -18.41 -15.63
CA LEU C 294 23.14 -17.01 -16.02
C LEU C 294 24.49 -16.68 -16.64
N LYS C 295 24.48 -15.95 -17.74
CA LYS C 295 25.72 -15.52 -18.39
C LYS C 295 25.40 -14.36 -19.32
N TYR C 296 25.88 -13.16 -18.98
CA TYR C 296 25.65 -12.01 -19.85
C TYR C 296 26.66 -10.91 -19.52
N VAL C 297 26.78 -9.98 -20.46
CA VAL C 297 27.68 -8.83 -20.34
C VAL C 297 26.82 -7.57 -20.29
N ASP C 298 27.09 -6.71 -19.32
CA ASP C 298 26.30 -5.50 -19.11
C ASP C 298 27.13 -4.28 -19.45
N VAL C 299 26.60 -3.43 -20.33
CA VAL C 299 27.24 -2.18 -20.72
C VAL C 299 26.21 -1.06 -20.56
N GLY C 300 26.59 0.01 -19.87
CA GLY C 300 25.67 1.10 -19.67
C GLY C 300 26.38 2.29 -19.06
N ALA C 301 25.60 3.37 -18.88
CA ALA C 301 26.13 4.60 -18.31
C ALA C 301 25.02 5.32 -17.57
N THR C 302 25.42 6.15 -16.61
CA THR C 302 24.49 6.94 -15.82
C THR C 302 24.94 8.40 -15.82
N TYR C 303 23.99 9.31 -15.95
CA TYR C 303 24.25 10.74 -15.87
C TYR C 303 23.55 11.31 -14.65
N TYR C 304 24.30 12.04 -13.83
CA TYR C 304 23.78 12.65 -12.61
C TYR C 304 23.69 14.16 -12.82
N PHE C 305 22.47 14.67 -12.98
CA PHE C 305 22.27 16.11 -13.00
C PHE C 305 22.67 16.72 -11.66
N ASN C 306 22.20 16.12 -10.57
CA ASN C 306 22.60 16.47 -9.22
C ASN C 306 22.30 15.27 -8.33
N LYS C 307 22.32 15.49 -7.02
CA LYS C 307 22.04 14.40 -6.08
C LYS C 307 20.57 13.99 -6.08
N ASN C 308 19.69 14.73 -6.75
CA ASN C 308 18.26 14.45 -6.71
C ASN C 308 17.68 13.93 -8.03
N MET C 309 18.34 14.18 -9.15
CA MET C 309 17.85 13.73 -10.45
C MET C 309 18.98 13.06 -11.22
N SER C 310 18.63 12.00 -11.95
CA SER C 310 19.59 11.28 -12.76
C SER C 310 18.86 10.52 -13.86
N THR C 311 19.62 10.15 -14.88
CA THR C 311 19.11 9.34 -15.98
C THR C 311 20.18 8.34 -16.38
N TYR C 312 19.75 7.23 -16.97
CA TYR C 312 20.68 6.17 -17.32
C TYR C 312 20.15 5.35 -18.48
N VAL C 313 21.07 4.70 -19.18
CA VAL C 313 20.75 3.71 -20.20
C VAL C 313 21.58 2.46 -19.89
N ASP C 314 20.93 1.29 -19.95
CA ASP C 314 21.58 0.04 -19.62
C ASP C 314 21.32 -0.96 -20.73
N TYR C 315 22.39 -1.61 -21.20
CA TYR C 315 22.31 -2.57 -22.28
C TYR C 315 22.85 -3.91 -21.78
N LYS C 316 22.01 -4.92 -21.74
CA LYS C 316 22.38 -6.26 -21.29
C LYS C 316 22.50 -7.16 -22.52
N ILE C 317 23.69 -7.72 -22.72
CA ILE C 317 23.98 -8.59 -23.85
C ILE C 317 23.96 -10.02 -23.32
N ASN C 318 22.87 -10.74 -23.58
CA ASN C 318 22.69 -12.08 -23.05
C ASN C 318 23.49 -13.08 -23.86
N LEU C 319 24.42 -13.78 -23.20
CA LEU C 319 25.28 -14.75 -23.85
C LEU C 319 24.79 -16.18 -23.69
N LEU C 320 23.63 -16.38 -23.05
CA LEU C 320 23.10 -17.72 -22.87
C LEU C 320 22.64 -18.30 -24.21
N ASP C 321 22.70 -19.62 -24.31
CA ASP C 321 22.24 -20.33 -25.50
C ASP C 321 20.94 -21.04 -25.18
N ASP C 322 19.95 -20.88 -26.04
CA ASP C 322 18.66 -21.50 -25.83
C ASP C 322 18.77 -23.01 -25.99
N ASN C 323 18.28 -23.75 -25.00
CA ASN C 323 18.30 -25.20 -25.04
C ASN C 323 17.17 -25.71 -24.14
N SER C 324 17.16 -27.02 -23.90
CA SER C 324 16.08 -27.63 -23.15
C SER C 324 16.03 -27.11 -21.71
N PHE C 325 17.20 -26.95 -21.08
CA PHE C 325 17.22 -26.52 -19.69
C PHE C 325 16.68 -25.11 -19.53
N THR C 326 17.10 -24.19 -20.40
CA THR C 326 16.64 -22.81 -20.28
C THR C 326 15.15 -22.69 -20.53
N ARG C 327 14.63 -23.41 -21.54
CA ARG C 327 13.20 -23.37 -21.81
C ARG C 327 12.40 -23.98 -20.67
N ASN C 328 12.85 -25.12 -20.14
CA ASN C 328 12.12 -25.77 -19.07
C ASN C 328 12.14 -24.93 -17.79
N ALA C 329 13.27 -24.33 -17.47
CA ALA C 329 13.40 -23.52 -16.26
C ALA C 329 12.92 -22.09 -16.43
N GLY C 330 12.53 -21.71 -17.65
CA GLY C 330 12.04 -20.35 -17.88
C GLY C 330 13.07 -19.27 -17.69
N ILE C 331 14.30 -19.49 -18.17
CA ILE C 331 15.38 -18.52 -18.06
C ILE C 331 15.46 -17.76 -19.37
N SER C 332 15.34 -16.43 -19.29
CA SER C 332 15.35 -15.60 -20.48
C SER C 332 16.74 -15.58 -21.13
N THR C 333 16.76 -15.63 -22.46
CA THR C 333 18.00 -15.61 -23.22
C THR C 333 17.98 -14.51 -24.28
N ASP C 334 17.40 -13.36 -23.96
CA ASP C 334 17.24 -12.26 -24.90
C ASP C 334 17.90 -11.00 -24.36
N ASP C 335 18.38 -10.16 -25.28
CA ASP C 335 18.97 -8.89 -24.90
C ASP C 335 17.90 -7.92 -24.43
N VAL C 336 18.26 -7.08 -23.47
CA VAL C 336 17.35 -6.09 -22.89
C VAL C 336 18.04 -4.73 -22.89
N VAL C 337 17.29 -3.70 -23.27
CA VAL C 337 17.75 -2.32 -23.21
C VAL C 337 16.79 -1.55 -22.31
N ALA C 338 17.34 -0.83 -21.33
CA ALA C 338 16.55 -0.13 -20.35
C ALA C 338 16.84 1.36 -20.41
N LEU C 339 15.78 2.17 -20.33
CA LEU C 339 15.88 3.63 -20.28
C LEU C 339 15.21 4.10 -19.02
N GLY C 340 15.84 5.04 -18.31
CA GLY C 340 15.35 5.45 -17.02
C GLY C 340 15.50 6.94 -16.80
N LEU C 341 14.62 7.47 -15.94
CA LEU C 341 14.65 8.87 -15.52
C LEU C 341 14.16 8.90 -14.08
N VAL C 342 15.07 9.13 -13.14
CA VAL C 342 14.82 8.92 -11.72
C VAL C 342 14.89 10.25 -10.98
N TYR C 343 13.87 10.54 -10.19
CA TYR C 343 13.89 11.65 -9.24
C TYR C 343 14.01 11.06 -7.84
N GLN C 344 15.03 11.46 -7.11
CA GLN C 344 15.28 10.97 -5.75
C GLN C 344 15.07 12.09 -4.75
N PHE C 345 14.34 11.80 -3.69
CA PHE C 345 14.07 12.77 -2.65
C PHE C 345 14.53 12.27 -1.28
N CYS D 1 12.02 -11.48 -6.51
CA CYS D 1 12.48 -12.73 -7.09
C CYS D 1 13.83 -12.53 -7.76
N SER D 2 14.62 -11.59 -7.25
CA SER D 2 15.92 -11.28 -7.81
C SER D 2 16.76 -10.62 -6.72
N GLY D 3 18.06 -10.50 -7.00
CA GLY D 3 19.00 -9.91 -6.06
C GLY D 3 18.64 -8.51 -5.63
N GLY D 4 18.72 -8.25 -4.33
CA GLY D 4 18.28 -6.99 -3.77
C GLY D 4 18.98 -5.74 -4.29
N GLN D 5 18.23 -4.92 -5.02
CA GLN D 5 18.64 -3.61 -5.54
C GLN D 5 17.62 -3.13 -6.56
N ASN D 6 17.60 -3.76 -7.72
CA ASN D 6 16.63 -3.49 -8.79
C ASN D 6 15.86 -4.79 -9.01
N THR D 7 14.66 -4.86 -8.45
CA THR D 7 13.83 -6.06 -8.55
C THR D 7 13.55 -6.40 -10.00
N HIS D 8 13.74 -7.68 -10.35
CA HIS D 8 13.51 -8.19 -11.69
C HIS D 8 12.46 -9.27 -11.63
N CYS D 9 11.44 -9.15 -12.49
CA CYS D 9 10.33 -10.11 -12.55
C CYS D 9 9.64 -10.25 -11.20
#